data_1HQG
#
_entry.id   1HQG
#
_cell.length_a   88.200
_cell.length_b   88.200
_cell.length_c   106.500
_cell.angle_alpha   90.00
_cell.angle_beta   90.00
_cell.angle_gamma   120.00
#
_symmetry.space_group_name_H-M   'P 32'
#
loop_
_entity.id
_entity.type
_entity.pdbx_description
1 polymer 'ARGINASE 1'
2 non-polymer 'MANGANESE (II) ION'
3 non-polymer L-ornithine
4 non-polymer UREA
5 water water
#
_entity_poly.entity_id   1
_entity_poly.type   'polypeptide(L)'
_entity_poly.pdbx_seq_one_letter_code
;MSSKPKPIEIIGAPFSKGQPRGGVEKGPAALRKAGLVEKLKETEYNVRDHGDLAFVDVPNDSPFQIVKNPRSVGKANEQL
AAVVAETQKNGTISVVLGGDHSMAIGSISGHARVHPDLCVIWVDAHTDINTPLTTSSGNL(CME)GQPVAFLLKELKGKF
PDVPGFSWVTPCISAKDIVYIGLRDVDPGEHYIIKTLGIKYFSMTEVDKLGIGKVMEETFSYLLGRKKRPIHLSFDVDGL
DPVFTPATGTPVVGGLSYREGLYITEEIYKTGLLSGLDIMEVNPTLGKTPEEVTRTVNTAVALTLSCFGTKREGNHKPET
DYLKPPK
;
_entity_poly.pdbx_strand_id   A,B,C
#
# COMPACT_ATOMS: atom_id res chain seq x y z
N LYS A 6 -29.26 -13.80 13.51
CA LYS A 6 -30.24 -13.24 12.54
C LYS A 6 -30.00 -13.81 11.14
N PRO A 7 -31.06 -14.31 10.48
CA PRO A 7 -30.98 -14.89 9.15
C PRO A 7 -30.46 -13.95 8.06
N ILE A 8 -29.92 -14.54 7.00
CA ILE A 8 -29.40 -13.81 5.85
C ILE A 8 -30.16 -14.24 4.60
N GLU A 9 -30.55 -13.28 3.78
CA GLU A 9 -31.24 -13.60 2.53
C GLU A 9 -30.56 -12.95 1.34
N ILE A 10 -30.02 -13.78 0.46
CA ILE A 10 -29.34 -13.33 -0.73
C ILE A 10 -30.34 -13.03 -1.85
N ILE A 11 -30.23 -11.83 -2.41
CA ILE A 11 -31.13 -11.40 -3.48
C ILE A 11 -30.31 -10.96 -4.69
N GLY A 12 -30.41 -11.70 -5.78
CA GLY A 12 -29.67 -11.33 -6.97
C GLY A 12 -30.37 -10.25 -7.77
N ALA A 13 -29.62 -9.26 -8.22
CA ALA A 13 -30.20 -8.18 -9.02
C ALA A 13 -29.41 -8.03 -10.31
N PRO A 14 -29.57 -8.99 -11.23
CA PRO A 14 -28.85 -8.94 -12.52
C PRO A 14 -29.45 -7.86 -13.40
N PHE A 15 -29.03 -6.62 -13.17
CA PHE A 15 -29.54 -5.47 -13.91
C PHE A 15 -28.37 -4.57 -14.34
N SER A 16 -28.41 -4.08 -15.57
CA SER A 16 -27.35 -3.21 -16.07
C SER A 16 -27.85 -1.98 -16.81
N LYS A 17 -29.16 -1.74 -16.78
CA LYS A 17 -29.75 -0.59 -17.47
C LYS A 17 -29.33 0.75 -16.88
N GLY A 18 -28.82 0.75 -15.66
CA GLY A 18 -28.38 1.98 -15.05
C GLY A 18 -27.09 2.43 -15.70
N GLN A 19 -26.52 1.58 -16.54
CA GLN A 19 -25.26 1.89 -17.22
C GLN A 19 -25.43 1.94 -18.73
N PRO A 20 -24.48 2.57 -19.44
CA PRO A 20 -24.53 2.68 -20.90
C PRO A 20 -24.17 1.37 -21.60
N ARG A 21 -23.25 0.61 -20.99
CA ARG A 21 -22.80 -0.67 -21.54
C ARG A 21 -23.33 -1.84 -20.70
N GLY A 22 -23.37 -3.03 -21.27
CA GLY A 22 -23.86 -4.19 -20.56
C GLY A 22 -22.74 -5.02 -19.95
N GLY A 23 -23.11 -6.08 -19.23
CA GLY A 23 -22.13 -6.95 -18.62
C GLY A 23 -22.25 -7.10 -17.12
N VAL A 24 -22.56 -6.01 -16.42
CA VAL A 24 -22.66 -6.05 -14.97
C VAL A 24 -23.82 -6.90 -14.48
N GLU A 25 -24.76 -7.23 -15.38
CA GLU A 25 -25.91 -8.04 -14.99
C GLU A 25 -25.44 -9.48 -14.75
N LYS A 26 -24.23 -9.78 -15.22
CA LYS A 26 -23.64 -11.11 -15.05
C LYS A 26 -22.94 -11.22 -13.71
N GLY A 27 -22.93 -10.13 -12.95
CA GLY A 27 -22.28 -10.12 -11.65
C GLY A 27 -22.78 -11.18 -10.67
N PRO A 28 -24.11 -11.28 -10.46
CA PRO A 28 -24.65 -12.27 -9.53
C PRO A 28 -24.22 -13.68 -9.87
N ALA A 29 -24.27 -14.02 -11.15
CA ALA A 29 -23.88 -15.36 -11.60
C ALA A 29 -22.41 -15.61 -11.25
N ALA A 30 -21.55 -14.66 -11.57
CA ALA A 30 -20.12 -14.80 -11.28
C ALA A 30 -19.87 -15.02 -9.79
N LEU A 31 -20.59 -14.26 -8.96
CA LEU A 31 -20.44 -14.37 -7.52
C LEU A 31 -20.87 -15.73 -7.01
N ARG A 32 -21.98 -16.24 -7.53
CA ARG A 32 -22.47 -17.55 -7.10
C ARG A 32 -21.52 -18.65 -7.59
N LYS A 33 -21.02 -18.47 -8.81
CA LYS A 33 -20.09 -19.42 -9.40
C LYS A 33 -18.88 -19.63 -8.51
N ALA A 34 -18.47 -18.57 -7.82
CA ALA A 34 -17.32 -18.62 -6.93
C ALA A 34 -17.67 -19.24 -5.58
N GLY A 35 -18.92 -19.68 -5.44
CA GLY A 35 -19.36 -20.32 -4.22
C GLY A 35 -19.72 -19.41 -3.05
N LEU A 36 -20.16 -18.20 -3.34
CA LEU A 36 -20.52 -17.25 -2.30
C LEU A 36 -21.56 -17.84 -1.35
N VAL A 37 -22.66 -18.35 -1.89
CA VAL A 37 -23.71 -18.92 -1.05
C VAL A 37 -23.21 -20.02 -0.12
N GLU A 38 -22.50 -21.00 -0.68
CA GLU A 38 -21.95 -22.11 0.09
C GLU A 38 -21.00 -21.64 1.18
N LYS A 39 -20.15 -20.69 0.83
CA LYS A 39 -19.18 -20.15 1.77
C LYS A 39 -19.87 -19.41 2.90
N LEU A 40 -20.94 -18.68 2.58
CA LEU A 40 -21.68 -17.94 3.60
C LEU A 40 -22.31 -18.90 4.60
N LYS A 41 -22.69 -20.09 4.13
CA LYS A 41 -23.32 -21.06 5.01
C LYS A 41 -22.34 -21.62 6.05
N GLU A 42 -21.06 -21.37 5.85
CA GLU A 42 -20.06 -21.84 6.80
C GLU A 42 -19.89 -20.83 7.93
N THR A 43 -20.50 -19.66 7.79
CA THR A 43 -20.40 -18.65 8.83
C THR A 43 -21.40 -18.99 9.93
N GLU A 44 -21.52 -18.10 10.90
CA GLU A 44 -22.43 -18.27 12.03
C GLU A 44 -23.87 -17.92 11.67
N TYR A 45 -24.10 -17.44 10.45
CA TYR A 45 -25.44 -17.05 10.02
C TYR A 45 -26.20 -18.11 9.25
N ASN A 46 -27.53 -18.05 9.35
CA ASN A 46 -28.40 -18.97 8.65
C ASN A 46 -28.61 -18.28 7.29
N VAL A 47 -28.35 -18.99 6.21
CA VAL A 47 -28.47 -18.39 4.88
C VAL A 47 -29.57 -18.91 3.98
N ARG A 48 -30.27 -17.98 3.34
CA ARG A 48 -31.33 -18.34 2.40
C ARG A 48 -31.06 -17.61 1.09
N ASP A 49 -31.23 -18.31 -0.02
CA ASP A 49 -31.00 -17.71 -1.33
C ASP A 49 -32.35 -17.44 -2.00
N HIS A 50 -32.67 -16.16 -2.21
CA HIS A 50 -33.93 -15.79 -2.84
C HIS A 50 -33.88 -16.04 -4.35
N GLY A 51 -32.67 -16.18 -4.87
CA GLY A 51 -32.50 -16.39 -6.30
C GLY A 51 -32.28 -15.04 -6.97
N ASP A 52 -32.30 -14.99 -8.29
CA ASP A 52 -32.12 -13.73 -9.01
C ASP A 52 -33.45 -13.17 -9.48
N LEU A 53 -33.69 -11.89 -9.24
CA LEU A 53 -34.93 -11.27 -9.67
C LEU A 53 -34.99 -11.22 -11.20
N ALA A 54 -36.19 -11.37 -11.73
CA ALA A 54 -36.39 -11.30 -13.18
C ALA A 54 -36.95 -9.91 -13.47
N PHE A 55 -36.23 -9.12 -14.26
CA PHE A 55 -36.67 -7.77 -14.57
C PHE A 55 -37.32 -7.64 -15.94
N VAL A 56 -38.47 -6.97 -15.98
CA VAL A 56 -39.21 -6.77 -17.21
C VAL A 56 -38.78 -5.47 -17.90
N ASP A 57 -38.18 -5.60 -19.08
CA ASP A 57 -37.74 -4.44 -19.83
C ASP A 57 -38.94 -3.65 -20.33
N VAL A 58 -39.01 -2.38 -19.94
CA VAL A 58 -40.11 -1.51 -20.35
C VAL A 58 -39.95 -1.14 -21.82
N PRO A 59 -40.92 -1.53 -22.66
CA PRO A 59 -40.91 -1.24 -24.10
C PRO A 59 -40.90 0.26 -24.42
N ASN A 60 -40.20 0.62 -25.48
CA ASN A 60 -40.08 2.01 -25.92
C ASN A 60 -39.75 2.92 -24.74
N ASP A 61 -38.71 2.54 -23.99
CA ASP A 61 -38.27 3.31 -22.84
C ASP A 61 -37.39 4.46 -23.30
N SER A 62 -38.00 5.45 -23.94
CA SER A 62 -37.27 6.61 -24.44
C SER A 62 -36.67 7.46 -23.32
N PRO A 63 -35.56 8.15 -23.61
CA PRO A 63 -34.86 8.99 -22.65
C PRO A 63 -35.69 10.14 -22.09
N PHE A 64 -35.66 10.32 -20.78
CA PHE A 64 -36.37 11.43 -20.16
C PHE A 64 -35.31 12.52 -20.12
N GLN A 65 -35.38 13.44 -21.08
CA GLN A 65 -34.38 14.49 -21.19
C GLN A 65 -33.06 13.78 -21.45
N ILE A 66 -32.09 13.92 -20.55
CA ILE A 66 -30.80 13.25 -20.74
C ILE A 66 -30.77 11.84 -20.13
N VAL A 67 -31.65 11.58 -19.17
CA VAL A 67 -31.72 10.30 -18.47
C VAL A 67 -32.06 9.12 -19.38
N LYS A 68 -31.29 8.05 -19.26
CA LYS A 68 -31.48 6.85 -20.07
C LYS A 68 -32.20 5.73 -19.34
N ASN A 69 -32.99 4.95 -20.08
CA ASN A 69 -33.77 3.84 -19.56
C ASN A 69 -34.46 4.14 -18.23
N PRO A 70 -35.05 5.34 -18.10
CA PRO A 70 -35.72 5.69 -16.84
C PRO A 70 -36.80 4.72 -16.36
N ARG A 71 -37.70 4.32 -17.25
CA ARG A 71 -38.78 3.42 -16.85
C ARG A 71 -38.29 2.02 -16.49
N SER A 72 -37.31 1.51 -17.23
CA SER A 72 -36.78 0.19 -16.95
C SER A 72 -36.05 0.19 -15.60
N VAL A 73 -35.24 1.21 -15.36
CA VAL A 73 -34.51 1.31 -14.10
C VAL A 73 -35.48 1.52 -12.93
N GLY A 74 -36.45 2.41 -13.12
CA GLY A 74 -37.43 2.67 -12.08
C GLY A 74 -38.26 1.45 -11.72
N LYS A 75 -38.62 0.67 -12.73
CA LYS A 75 -39.43 -0.54 -12.53
C LYS A 75 -38.64 -1.63 -11.81
N ALA A 76 -37.39 -1.83 -12.23
CA ALA A 76 -36.54 -2.85 -11.62
C ALA A 76 -36.35 -2.54 -10.13
N ASN A 77 -36.15 -1.27 -9.81
CA ASN A 77 -35.94 -0.86 -8.44
C ASN A 77 -37.21 -0.93 -7.58
N GLU A 78 -38.37 -0.74 -8.21
CA GLU A 78 -39.61 -0.83 -7.45
C GLU A 78 -39.78 -2.30 -7.04
N GLN A 79 -39.48 -3.21 -7.95
CA GLN A 79 -39.58 -4.64 -7.66
C GLN A 79 -38.58 -5.05 -6.58
N LEU A 80 -37.35 -4.57 -6.70
CA LEU A 80 -36.34 -4.93 -5.70
C LEU A 80 -36.73 -4.39 -4.32
N ALA A 81 -37.20 -3.15 -4.27
CA ALA A 81 -37.62 -2.55 -3.01
C ALA A 81 -38.69 -3.40 -2.33
N ALA A 82 -39.62 -3.92 -3.11
CA ALA A 82 -40.69 -4.75 -2.55
C ALA A 82 -40.10 -6.02 -1.95
N VAL A 83 -39.21 -6.67 -2.70
CA VAL A 83 -38.57 -7.90 -2.23
C VAL A 83 -37.75 -7.64 -0.96
N VAL A 84 -36.97 -6.58 -0.96
CA VAL A 84 -36.15 -6.24 0.20
C VAL A 84 -37.02 -5.90 1.41
N ALA A 85 -38.05 -5.10 1.21
CA ALA A 85 -38.94 -4.73 2.32
C ALA A 85 -39.48 -5.98 3.00
N GLU A 86 -39.88 -6.96 2.19
CA GLU A 86 -40.42 -8.21 2.71
C GLU A 86 -39.40 -9.02 3.53
N THR A 87 -38.18 -9.19 3.01
CA THR A 87 -37.17 -9.95 3.75
C THR A 87 -36.85 -9.20 5.03
N GLN A 88 -36.78 -7.87 4.96
CA GLN A 88 -36.50 -7.06 6.13
C GLN A 88 -37.61 -7.23 7.16
N LYS A 89 -38.85 -7.27 6.67
CA LYS A 89 -40.02 -7.42 7.54
C LYS A 89 -39.92 -8.70 8.37
N ASN A 90 -39.42 -9.77 7.77
CA ASN A 90 -39.27 -11.04 8.46
C ASN A 90 -38.05 -11.08 9.37
N GLY A 91 -37.42 -9.93 9.56
CA GLY A 91 -36.25 -9.85 10.43
C GLY A 91 -34.98 -10.47 9.91
N THR A 92 -34.78 -10.48 8.59
CA THR A 92 -33.56 -11.05 8.04
C THR A 92 -32.71 -9.97 7.37
N ILE A 93 -31.40 -10.22 7.33
CA ILE A 93 -30.47 -9.27 6.72
C ILE A 93 -30.46 -9.50 5.22
N SER A 94 -30.76 -8.46 4.45
CA SER A 94 -30.77 -8.57 3.00
C SER A 94 -29.39 -8.32 2.40
N VAL A 95 -29.03 -9.15 1.43
CA VAL A 95 -27.75 -9.04 0.73
C VAL A 95 -28.03 -9.01 -0.77
N VAL A 96 -27.95 -7.82 -1.36
CA VAL A 96 -28.21 -7.65 -2.77
C VAL A 96 -26.93 -7.77 -3.61
N LEU A 97 -26.94 -8.66 -4.60
CA LEU A 97 -25.79 -8.84 -5.47
C LEU A 97 -26.08 -8.12 -6.79
N GLY A 98 -25.28 -7.09 -7.10
CA GLY A 98 -25.48 -6.34 -8.33
C GLY A 98 -24.77 -6.96 -9.52
N GLY A 99 -25.00 -6.44 -10.73
CA GLY A 99 -25.91 -5.32 -10.93
C GLY A 99 -25.23 -3.97 -10.77
N ASP A 100 -25.70 -2.96 -11.51
CA ASP A 100 -25.11 -1.64 -11.38
C ASP A 100 -25.69 -0.96 -10.15
N HIS A 101 -24.99 0.05 -9.67
CA HIS A 101 -25.39 0.75 -8.45
C HIS A 101 -26.73 1.49 -8.44
N SER A 102 -27.41 1.58 -9.58
CA SER A 102 -28.71 2.24 -9.58
C SER A 102 -29.66 1.40 -8.72
N MET A 103 -29.33 0.12 -8.56
CA MET A 103 -30.18 -0.77 -7.77
C MET A 103 -30.19 -0.45 -6.28
N ALA A 104 -29.33 0.48 -5.87
CA ALA A 104 -29.29 0.88 -4.47
C ALA A 104 -30.58 1.64 -4.15
N ILE A 105 -31.20 2.21 -5.18
CA ILE A 105 -32.45 2.95 -4.98
C ILE A 105 -33.48 2.00 -4.41
N GLY A 106 -33.66 0.84 -5.05
CA GLY A 106 -34.62 -0.13 -4.57
C GLY A 106 -34.19 -0.81 -3.29
N SER A 107 -32.91 -1.16 -3.20
CA SER A 107 -32.37 -1.81 -2.01
C SER A 107 -32.57 -0.96 -0.75
N ILE A 108 -32.07 0.27 -0.79
CA ILE A 108 -32.19 1.15 0.36
C ILE A 108 -33.65 1.54 0.62
N SER A 109 -34.42 1.79 -0.46
CA SER A 109 -35.83 2.17 -0.32
C SER A 109 -36.62 1.08 0.40
N GLY A 110 -36.45 -0.18 -0.01
CA GLY A 110 -37.15 -1.27 0.63
C GLY A 110 -36.70 -1.46 2.08
N HIS A 111 -35.41 -1.24 2.31
CA HIS A 111 -34.84 -1.39 3.65
C HIS A 111 -35.42 -0.34 4.59
N ALA A 112 -35.53 0.90 4.11
CA ALA A 112 -36.06 2.00 4.90
C ALA A 112 -37.54 1.85 5.24
N ARG A 113 -38.27 1.04 4.47
CA ARG A 113 -39.68 0.84 4.76
C ARG A 113 -39.86 0.10 6.08
N VAL A 114 -38.86 -0.67 6.47
CA VAL A 114 -38.91 -1.43 7.71
C VAL A 114 -38.06 -0.78 8.80
N HIS A 115 -36.95 -0.17 8.40
CA HIS A 115 -36.07 0.51 9.35
C HIS A 115 -35.83 1.93 8.89
N PRO A 116 -36.84 2.80 9.08
CA PRO A 116 -36.73 4.20 8.67
C PRO A 116 -35.60 4.99 9.35
N ASP A 117 -35.07 4.48 10.45
CA ASP A 117 -34.00 5.17 11.16
C ASP A 117 -32.60 4.66 10.78
N LEU A 118 -32.52 3.90 9.68
CA LEU A 118 -31.26 3.34 9.23
C LEU A 118 -30.26 4.40 8.75
N CYS A 119 -28.99 4.05 8.77
CA CYS A 119 -27.96 4.95 8.28
C CYS A 119 -27.29 4.23 7.12
N VAL A 120 -26.60 4.98 6.26
CA VAL A 120 -25.95 4.39 5.10
C VAL A 120 -24.46 4.67 5.04
N ILE A 121 -23.67 3.62 4.82
CA ILE A 121 -22.24 3.75 4.66
C ILE A 121 -22.04 3.36 3.20
N TRP A 122 -21.60 4.32 2.40
CA TRP A 122 -21.43 4.13 0.97
C TRP A 122 -19.94 4.09 0.60
N VAL A 123 -19.43 2.90 0.28
CA VAL A 123 -18.03 2.72 -0.10
C VAL A 123 -17.97 2.77 -1.62
N ASP A 124 -17.28 3.77 -2.14
CA ASP A 124 -17.27 3.98 -3.57
C ASP A 124 -16.21 5.02 -3.94
N ALA A 125 -15.70 4.99 -5.16
CA ALA A 125 -14.75 6.00 -5.60
C ALA A 125 -15.60 7.20 -6.02
N HIS A 126 -16.90 6.98 -6.15
CA HIS A 126 -17.84 8.01 -6.57
C HIS A 126 -18.97 8.27 -5.57
N THR A 127 -19.54 9.47 -5.65
CA THR A 127 -20.64 9.86 -4.78
C THR A 127 -21.99 9.38 -5.35
N ASP A 128 -22.04 9.13 -6.66
CA ASP A 128 -23.28 8.68 -7.30
C ASP A 128 -24.46 9.55 -6.87
N ILE A 129 -24.22 10.85 -6.78
CA ILE A 129 -25.24 11.78 -6.34
C ILE A 129 -25.66 12.80 -7.40
N ASN A 130 -25.38 12.51 -8.66
CA ASN A 130 -25.79 13.40 -9.74
C ASN A 130 -27.30 13.34 -9.83
N THR A 131 -27.94 14.46 -10.17
CA THR A 131 -29.39 14.48 -10.33
C THR A 131 -29.65 14.44 -11.84
N PRO A 132 -30.91 14.25 -12.24
CA PRO A 132 -31.20 14.22 -13.69
C PRO A 132 -30.77 15.52 -14.37
N LEU A 133 -30.63 16.59 -13.59
CA LEU A 133 -30.22 17.88 -14.14
C LEU A 133 -28.69 18.11 -14.14
N THR A 134 -27.98 17.51 -13.18
CA THR A 134 -26.52 17.70 -13.12
C THR A 134 -25.73 16.65 -13.91
N THR A 135 -26.32 15.47 -14.11
CA THR A 135 -25.63 14.41 -14.83
C THR A 135 -25.19 14.81 -16.24
N SER A 136 -24.00 14.37 -16.61
CA SER A 136 -23.43 14.64 -17.94
C SER A 136 -23.68 13.45 -18.84
N SER A 137 -23.90 12.29 -18.23
CA SER A 137 -24.12 11.05 -18.97
C SER A 137 -25.57 10.60 -19.05
N GLY A 138 -26.35 10.90 -18.01
CA GLY A 138 -27.73 10.49 -17.99
C GLY A 138 -27.86 9.05 -17.51
N ASN A 139 -26.73 8.43 -17.16
CA ASN A 139 -26.75 7.06 -16.68
C ASN A 139 -27.25 7.07 -15.24
N LEU A 140 -28.22 6.24 -14.94
CA LEU A 140 -28.77 6.21 -13.59
C LEU A 140 -27.87 5.58 -12.53
N GLY A 142 -25.12 6.59 -11.77
CA GLY A 142 -24.40 7.68 -11.14
C GLY A 142 -25.34 8.66 -10.46
N GLN A 143 -26.58 8.24 -10.24
CA GLN A 143 -27.59 9.09 -9.62
C GLN A 143 -28.39 8.48 -8.43
N PRO A 144 -28.08 7.24 -8.01
CA PRO A 144 -28.83 6.63 -6.90
C PRO A 144 -29.14 7.52 -5.70
N VAL A 145 -28.09 8.05 -5.10
CA VAL A 145 -28.23 8.88 -3.91
C VAL A 145 -29.12 10.10 -4.08
N ALA A 146 -29.15 10.67 -5.29
CA ALA A 146 -29.99 11.84 -5.55
C ALA A 146 -31.48 11.51 -5.40
N PHE A 147 -31.86 10.27 -5.75
CA PHE A 147 -33.26 9.86 -5.64
C PHE A 147 -33.64 9.47 -4.20
N LEU A 148 -32.63 9.21 -3.38
CA LEU A 148 -32.86 8.79 -2.01
C LEU A 148 -32.83 9.91 -0.97
N LEU A 149 -32.08 10.98 -1.22
CA LEU A 149 -31.97 12.07 -0.25
C LEU A 149 -33.17 12.99 -0.15
N LYS A 150 -33.61 13.23 1.09
CA LYS A 150 -34.74 14.10 1.34
C LYS A 150 -34.46 15.54 0.91
N GLU A 151 -33.25 16.03 1.17
CA GLU A 151 -32.89 17.39 0.81
C GLU A 151 -32.85 17.67 -0.69
N LEU A 152 -32.83 16.62 -1.51
CA LEU A 152 -32.80 16.78 -2.96
C LEU A 152 -34.19 16.68 -3.56
N LYS A 153 -35.18 16.37 -2.73
CA LYS A 153 -36.55 16.24 -3.18
C LYS A 153 -37.01 17.55 -3.83
N GLY A 154 -37.56 17.44 -5.04
CA GLY A 154 -38.03 18.62 -5.74
C GLY A 154 -36.95 19.47 -6.38
N LYS A 155 -35.71 18.97 -6.39
CA LYS A 155 -34.61 19.71 -6.99
C LYS A 155 -34.41 19.32 -8.46
N PHE A 156 -35.18 18.34 -8.90
CA PHE A 156 -35.12 17.89 -10.29
C PHE A 156 -36.51 17.38 -10.70
N PRO A 157 -36.83 17.42 -12.01
CA PRO A 157 -38.13 16.96 -12.50
C PRO A 157 -38.41 15.49 -12.19
N ASP A 158 -39.68 15.16 -11.97
CA ASP A 158 -40.07 13.78 -11.68
C ASP A 158 -39.73 12.92 -12.89
N VAL A 159 -38.93 11.88 -12.68
CA VAL A 159 -38.52 10.99 -13.76
C VAL A 159 -39.50 9.82 -13.91
N PRO A 160 -39.89 9.52 -15.16
CA PRO A 160 -40.83 8.43 -15.42
C PRO A 160 -40.33 7.11 -14.84
N GLY A 161 -41.19 6.44 -14.08
CA GLY A 161 -40.83 5.17 -13.47
C GLY A 161 -40.39 5.23 -12.02
N PHE A 162 -40.23 6.44 -11.48
CA PHE A 162 -39.77 6.60 -10.11
C PHE A 162 -40.76 7.31 -9.18
N SER A 163 -42.02 7.43 -9.60
CA SER A 163 -43.00 8.12 -8.77
C SER A 163 -43.27 7.37 -7.46
N TRP A 164 -42.93 6.08 -7.44
CA TRP A 164 -43.11 5.25 -6.25
C TRP A 164 -42.06 5.55 -5.18
N VAL A 165 -40.99 6.21 -5.59
CA VAL A 165 -39.90 6.53 -4.66
C VAL A 165 -40.21 7.69 -3.73
N THR A 166 -39.90 7.48 -2.46
CA THR A 166 -40.10 8.52 -1.46
C THR A 166 -38.76 8.71 -0.76
N PRO A 167 -38.13 9.88 -0.90
CA PRO A 167 -36.84 10.15 -0.26
C PRO A 167 -36.89 9.66 1.19
N CYS A 168 -36.04 8.69 1.53
CA CYS A 168 -36.05 8.11 2.87
C CYS A 168 -34.93 8.48 3.82
N ILE A 169 -33.77 8.90 3.31
CA ILE A 169 -32.69 9.28 4.22
C ILE A 169 -32.26 10.72 4.04
N SER A 170 -31.80 11.30 5.13
CA SER A 170 -31.33 12.67 5.13
C SER A 170 -29.84 12.68 4.88
N ALA A 171 -29.35 13.80 4.37
CA ALA A 171 -27.94 13.96 4.09
C ALA A 171 -27.07 13.68 5.31
N LYS A 172 -27.66 13.78 6.50
CA LYS A 172 -26.92 13.54 7.73
C LYS A 172 -26.85 12.07 8.14
N ASP A 173 -27.54 11.20 7.42
CA ASP A 173 -27.54 9.78 7.74
C ASP A 173 -26.67 8.93 6.81
N ILE A 174 -25.86 9.59 5.99
CA ILE A 174 -25.00 8.85 5.08
C ILE A 174 -23.54 9.28 5.21
N VAL A 175 -22.63 8.31 5.09
CA VAL A 175 -21.20 8.58 5.14
C VAL A 175 -20.52 7.91 3.95
N TYR A 176 -19.78 8.69 3.18
CA TYR A 176 -19.04 8.19 2.02
C TYR A 176 -17.62 7.82 2.43
N ILE A 177 -17.10 6.72 1.89
CA ILE A 177 -15.72 6.31 2.14
C ILE A 177 -15.09 5.85 0.82
N GLY A 178 -13.98 6.46 0.44
CA GLY A 178 -13.28 6.08 -0.78
C GLY A 178 -13.28 7.04 -1.95
N LEU A 179 -14.02 8.15 -1.83
CA LEU A 179 -14.15 9.13 -2.89
C LEU A 179 -12.85 9.62 -3.54
N ARG A 180 -12.85 9.67 -4.87
CA ARG A 180 -11.68 10.14 -5.60
C ARG A 180 -12.01 10.50 -7.05
N ASP A 181 -13.29 10.50 -7.41
CA ASP A 181 -13.73 10.83 -8.77
C ASP A 181 -15.12 11.43 -8.68
N VAL A 182 -15.17 12.70 -8.25
CA VAL A 182 -16.43 13.42 -8.05
C VAL A 182 -16.61 14.54 -9.08
N ASP A 183 -17.76 14.59 -9.73
CA ASP A 183 -18.03 15.64 -10.72
C ASP A 183 -18.24 16.97 -10.01
N PRO A 184 -18.00 18.09 -10.71
CA PRO A 184 -18.19 19.41 -10.11
C PRO A 184 -19.56 19.55 -9.45
N GLY A 185 -20.61 19.18 -10.18
CA GLY A 185 -21.95 19.28 -9.63
C GLY A 185 -22.13 18.46 -8.37
N GLU A 186 -21.56 17.25 -8.35
CA GLU A 186 -21.66 16.39 -7.18
C GLU A 186 -20.92 17.00 -6.00
N HIS A 187 -19.76 17.58 -6.26
CA HIS A 187 -18.98 18.19 -5.20
C HIS A 187 -19.75 19.38 -4.64
N TYR A 188 -20.43 20.12 -5.53
CA TYR A 188 -21.23 21.24 -5.09
C TYR A 188 -22.34 20.72 -4.16
N ILE A 189 -22.98 19.63 -4.58
CA ILE A 189 -24.05 19.04 -3.80
C ILE A 189 -23.62 18.52 -2.42
N ILE A 190 -22.55 17.75 -2.35
CA ILE A 190 -22.14 17.22 -1.05
C ILE A 190 -21.64 18.32 -0.11
N LYS A 191 -21.06 19.38 -0.66
CA LYS A 191 -20.58 20.47 0.18
C LYS A 191 -21.78 21.30 0.64
N THR A 192 -22.67 21.61 -0.31
CA THR A 192 -23.86 22.41 0.00
C THR A 192 -24.80 21.69 0.98
N LEU A 193 -24.90 20.37 0.85
CA LEU A 193 -25.77 19.59 1.74
C LEU A 193 -25.08 19.20 3.05
N GLY A 194 -23.78 19.47 3.15
CA GLY A 194 -23.04 19.12 4.36
C GLY A 194 -22.94 17.63 4.62
N ILE A 195 -22.80 16.84 3.55
CA ILE A 195 -22.68 15.40 3.68
C ILE A 195 -21.30 15.02 4.23
N LYS A 196 -21.30 14.07 5.16
CA LYS A 196 -20.07 13.60 5.79
C LYS A 196 -19.35 12.62 4.85
N TYR A 197 -18.05 12.83 4.65
CA TYR A 197 -17.30 11.94 3.77
C TYR A 197 -15.83 11.80 4.14
N PHE A 198 -15.25 10.68 3.72
CA PHE A 198 -13.84 10.41 3.91
C PHE A 198 -13.31 10.03 2.53
N SER A 199 -12.84 11.03 1.79
CA SER A 199 -12.29 10.79 0.46
C SER A 199 -10.94 10.13 0.69
N MET A 200 -10.27 9.72 -0.38
CA MET A 200 -8.98 9.07 -0.20
C MET A 200 -8.02 10.01 0.55
N THR A 201 -8.24 11.31 0.42
CA THR A 201 -7.40 12.28 1.11
C THR A 201 -7.52 12.07 2.61
N GLU A 202 -8.75 11.92 3.11
CA GLU A 202 -8.95 11.70 4.54
C GLU A 202 -8.44 10.34 4.99
N VAL A 203 -8.58 9.34 4.12
CA VAL A 203 -8.09 8.01 4.46
C VAL A 203 -6.56 8.07 4.59
N ASP A 204 -5.89 8.79 3.68
CA ASP A 204 -4.43 8.92 3.74
C ASP A 204 -4.01 9.64 5.02
N LYS A 205 -4.74 10.69 5.36
CA LYS A 205 -4.43 11.48 6.55
C LYS A 205 -4.66 10.74 7.85
N LEU A 206 -5.85 10.18 8.00
CA LEU A 206 -6.24 9.49 9.23
C LEU A 206 -5.86 8.02 9.38
N GLY A 207 -5.88 7.28 8.29
CA GLY A 207 -5.61 5.85 8.39
C GLY A 207 -7.02 5.27 8.48
N ILE A 208 -7.22 4.08 7.91
CA ILE A 208 -8.53 3.47 7.90
C ILE A 208 -9.07 3.20 9.31
N GLY A 209 -8.17 3.02 10.26
CA GLY A 209 -8.58 2.76 11.62
C GLY A 209 -9.38 3.93 12.19
N LYS A 210 -8.83 5.13 12.05
CA LYS A 210 -9.49 6.35 12.56
C LYS A 210 -10.73 6.68 11.73
N VAL A 211 -10.69 6.40 10.44
CA VAL A 211 -11.84 6.67 9.58
C VAL A 211 -13.08 5.91 10.07
N MET A 212 -12.92 4.64 10.43
CA MET A 212 -14.06 3.87 10.90
C MET A 212 -14.53 4.35 12.27
N GLU A 213 -13.61 4.75 13.14
CA GLU A 213 -14.00 5.25 14.46
C GLU A 213 -14.89 6.47 14.28
N GLU A 214 -14.43 7.40 13.44
CA GLU A 214 -15.18 8.63 13.20
C GLU A 214 -16.49 8.37 12.45
N THR A 215 -16.50 7.40 11.54
CA THR A 215 -17.72 7.08 10.80
C THR A 215 -18.79 6.60 11.78
N PHE A 216 -18.39 5.75 12.72
CA PHE A 216 -19.32 5.22 13.69
C PHE A 216 -19.77 6.29 14.72
N SER A 217 -18.85 7.13 15.18
CA SER A 217 -19.23 8.16 16.15
C SER A 217 -20.21 9.13 15.50
N TYR A 218 -19.99 9.43 14.21
CA TYR A 218 -20.88 10.34 13.49
C TYR A 218 -22.28 9.76 13.27
N LEU A 219 -22.35 8.51 12.82
CA LEU A 219 -23.63 7.88 12.54
C LEU A 219 -24.30 7.19 13.73
N LEU A 220 -23.51 6.69 14.67
CA LEU A 220 -24.07 5.96 15.82
C LEU A 220 -23.82 6.57 17.21
N GLY A 221 -22.95 7.57 17.30
CA GLY A 221 -22.66 8.17 18.58
C GLY A 221 -23.87 8.65 19.36
N ARG A 222 -24.84 9.20 18.65
CA ARG A 222 -26.05 9.74 19.27
C ARG A 222 -27.09 8.66 19.54
N LYS A 223 -27.22 7.70 18.63
CA LYS A 223 -28.19 6.63 18.79
C LYS A 223 -27.82 5.43 17.90
N LYS A 224 -28.01 4.23 18.43
CA LYS A 224 -27.72 3.02 17.66
C LYS A 224 -28.89 2.68 16.74
N ARG A 225 -28.59 2.54 15.45
CA ARG A 225 -29.62 2.20 14.47
C ARG A 225 -29.04 1.26 13.42
N PRO A 226 -29.92 0.65 12.60
CA PRO A 226 -29.49 -0.28 11.57
C PRO A 226 -28.52 0.36 10.57
N ILE A 227 -27.58 -0.44 10.10
CA ILE A 227 -26.59 0.01 9.13
C ILE A 227 -26.85 -0.59 7.77
N HIS A 228 -26.87 0.23 6.74
CA HIS A 228 -27.03 -0.29 5.39
C HIS A 228 -25.69 -0.01 4.73
N LEU A 229 -24.97 -1.06 4.36
CA LEU A 229 -23.67 -0.88 3.71
C LEU A 229 -23.82 -1.11 2.20
N SER A 230 -23.63 -0.05 1.42
CA SER A 230 -23.73 -0.16 -0.03
C SER A 230 -22.29 -0.12 -0.55
N PHE A 231 -21.78 -1.29 -0.93
CA PHE A 231 -20.41 -1.41 -1.37
C PHE A 231 -20.23 -1.53 -2.88
N ASP A 232 -19.63 -0.51 -3.48
CA ASP A 232 -19.34 -0.50 -4.91
C ASP A 232 -17.89 -1.00 -4.98
N VAL A 233 -17.69 -2.09 -5.71
CA VAL A 233 -16.36 -2.66 -5.83
C VAL A 233 -15.29 -1.69 -6.35
N ASP A 234 -15.66 -0.67 -7.11
CA ASP A 234 -14.65 0.26 -7.61
C ASP A 234 -14.12 1.17 -6.52
N GLY A 235 -14.63 0.99 -5.30
CA GLY A 235 -14.14 1.77 -4.18
C GLY A 235 -12.71 1.31 -3.91
N LEU A 236 -12.42 0.05 -4.18
CA LEU A 236 -11.06 -0.47 -4.00
C LEU A 236 -10.26 -0.15 -5.26
N ASP A 237 -8.96 -0.07 -5.11
CA ASP A 237 -8.07 0.24 -6.22
C ASP A 237 -8.21 -0.79 -7.34
N PRO A 238 -8.11 -0.35 -8.61
CA PRO A 238 -8.23 -1.24 -9.76
C PRO A 238 -7.28 -2.45 -9.72
N VAL A 239 -6.24 -2.36 -8.89
CA VAL A 239 -5.30 -3.46 -8.77
C VAL A 239 -5.94 -4.65 -8.04
N PHE A 240 -7.00 -4.37 -7.30
CA PHE A 240 -7.71 -5.39 -6.53
C PHE A 240 -9.05 -5.78 -7.16
N THR A 241 -9.74 -4.81 -7.74
CA THR A 241 -11.03 -5.08 -8.35
C THR A 241 -11.09 -4.43 -9.73
N PRO A 242 -10.27 -4.91 -10.67
CA PRO A 242 -10.21 -4.37 -12.04
C PRO A 242 -11.45 -4.56 -12.92
N ALA A 243 -12.17 -5.67 -12.75
CA ALA A 243 -13.35 -5.94 -13.57
C ALA A 243 -14.57 -5.18 -13.09
N THR A 244 -14.59 -3.88 -13.38
CA THR A 244 -15.67 -3.01 -12.98
C THR A 244 -15.77 -1.87 -14.00
N GLY A 245 -16.96 -1.32 -14.17
CA GLY A 245 -17.19 -0.27 -15.15
C GLY A 245 -16.40 1.03 -15.10
N THR A 246 -16.19 1.59 -13.92
CA THR A 246 -15.48 2.85 -13.79
C THR A 246 -14.31 2.79 -12.81
N PRO A 247 -13.22 2.10 -13.19
CA PRO A 247 -12.07 2.01 -12.29
C PRO A 247 -11.35 3.35 -12.16
N VAL A 248 -10.90 3.65 -10.95
CA VAL A 248 -10.19 4.90 -10.68
C VAL A 248 -8.95 4.59 -9.83
N VAL A 249 -7.79 5.00 -10.32
CA VAL A 249 -6.53 4.75 -9.60
C VAL A 249 -6.47 5.42 -8.24
N GLY A 250 -5.64 4.87 -7.35
CA GLY A 250 -5.47 5.42 -6.02
C GLY A 250 -6.61 5.09 -5.06
N GLY A 251 -7.15 3.88 -5.16
CA GLY A 251 -8.25 3.48 -4.30
C GLY A 251 -7.89 2.79 -3.00
N LEU A 252 -8.92 2.31 -2.30
CA LEU A 252 -8.73 1.60 -1.03
C LEU A 252 -8.01 0.30 -1.35
N SER A 253 -7.16 -0.15 -0.43
CA SER A 253 -6.45 -1.40 -0.63
C SER A 253 -7.35 -2.55 -0.27
N TYR A 254 -6.89 -3.77 -0.58
CA TYR A 254 -7.66 -4.97 -0.24
C TYR A 254 -7.80 -5.00 1.30
N ARG A 255 -6.69 -4.74 1.98
CA ARG A 255 -6.68 -4.73 3.44
C ARG A 255 -7.68 -3.74 4.02
N GLU A 256 -7.69 -2.52 3.47
CA GLU A 256 -8.60 -1.49 3.96
C GLU A 256 -10.07 -1.87 3.75
N GLY A 257 -10.36 -2.51 2.62
CA GLY A 257 -11.72 -2.93 2.35
C GLY A 257 -12.19 -3.94 3.38
N LEU A 258 -11.33 -4.89 3.70
CA LEU A 258 -11.67 -5.91 4.69
C LEU A 258 -11.75 -5.29 6.08
N TYR A 259 -10.93 -4.27 6.35
CA TYR A 259 -10.97 -3.65 7.67
C TYR A 259 -12.34 -3.01 7.86
N ILE A 260 -12.80 -2.31 6.82
CA ILE A 260 -14.11 -1.66 6.84
C ILE A 260 -15.19 -2.69 7.17
N THR A 261 -15.20 -3.79 6.43
CA THR A 261 -16.21 -4.82 6.64
C THR A 261 -16.08 -5.53 7.98
N GLU A 262 -14.85 -5.72 8.46
CA GLU A 262 -14.65 -6.37 9.76
C GLU A 262 -15.23 -5.48 10.86
N GLU A 263 -14.99 -4.18 10.76
CA GLU A 263 -15.50 -3.22 11.74
C GLU A 263 -17.03 -3.15 11.68
N ILE A 264 -17.59 -3.19 10.48
CA ILE A 264 -19.03 -3.13 10.37
C ILE A 264 -19.64 -4.39 10.99
N TYR A 265 -18.98 -5.54 10.78
CA TYR A 265 -19.46 -6.77 11.37
C TYR A 265 -19.50 -6.64 12.89
N LYS A 266 -18.41 -6.13 13.45
CA LYS A 266 -18.27 -5.97 14.90
C LYS A 266 -19.33 -5.09 15.55
N THR A 267 -19.94 -4.18 14.79
CA THR A 267 -20.95 -3.30 15.37
C THR A 267 -22.20 -4.10 15.74
N GLY A 268 -22.43 -5.19 15.03
CA GLY A 268 -23.61 -6.00 15.27
C GLY A 268 -24.86 -5.32 14.75
N LEU A 269 -24.67 -4.24 13.97
CA LEU A 269 -25.80 -3.48 13.44
C LEU A 269 -26.07 -3.62 11.94
N LEU A 270 -25.26 -4.38 11.22
CA LEU A 270 -25.48 -4.54 9.78
C LEU A 270 -26.88 -5.09 9.53
N SER A 271 -27.67 -4.37 8.73
CA SER A 271 -29.03 -4.78 8.44
C SER A 271 -29.30 -4.99 6.95
N GLY A 272 -28.53 -4.32 6.11
CA GLY A 272 -28.69 -4.45 4.68
C GLY A 272 -27.34 -4.28 4.02
N LEU A 273 -27.09 -5.03 2.94
CA LEU A 273 -25.80 -4.98 2.25
C LEU A 273 -25.99 -5.04 0.74
N ASP A 274 -25.18 -4.29 0.01
CA ASP A 274 -25.19 -4.30 -1.46
C ASP A 274 -23.75 -4.57 -1.90
N ILE A 275 -23.56 -5.48 -2.85
CA ILE A 275 -22.25 -5.78 -3.39
C ILE A 275 -22.44 -5.47 -4.86
N MET A 276 -22.03 -4.27 -5.26
CA MET A 276 -22.25 -3.80 -6.63
C MET A 276 -21.07 -3.58 -7.55
N GLU A 277 -21.41 -3.47 -8.84
CA GLU A 277 -20.48 -3.19 -9.93
C GLU A 277 -19.43 -4.23 -10.32
N VAL A 278 -19.65 -5.49 -9.98
CA VAL A 278 -18.71 -6.52 -10.40
C VAL A 278 -19.17 -6.86 -11.84
N ASN A 279 -18.37 -6.49 -12.83
CA ASN A 279 -18.70 -6.74 -14.23
C ASN A 279 -17.67 -7.72 -14.80
N PRO A 280 -18.02 -9.01 -14.89
CA PRO A 280 -17.21 -10.13 -15.40
C PRO A 280 -16.75 -10.00 -16.85
N THR A 281 -17.37 -9.11 -17.61
CA THR A 281 -16.99 -8.95 -19.01
C THR A 281 -15.88 -7.91 -19.18
N LEU A 282 -15.58 -7.18 -18.10
CA LEU A 282 -14.56 -6.15 -18.17
C LEU A 282 -13.17 -6.51 -17.65
N GLY A 283 -12.91 -7.80 -17.46
CA GLY A 283 -11.58 -8.17 -17.02
C GLY A 283 -10.68 -8.19 -18.25
N LYS A 284 -9.47 -7.60 -18.14
CA LYS A 284 -8.52 -7.61 -19.25
C LYS A 284 -8.04 -9.04 -19.52
N THR A 285 -8.16 -9.89 -18.49
CA THR A 285 -7.78 -11.29 -18.56
C THR A 285 -8.74 -12.05 -17.66
N PRO A 286 -8.76 -13.39 -17.77
CA PRO A 286 -9.66 -14.17 -16.93
C PRO A 286 -9.30 -13.96 -15.46
N GLU A 287 -8.01 -13.87 -15.18
CA GLU A 287 -7.52 -13.68 -13.82
C GLU A 287 -8.01 -12.38 -13.17
N GLU A 288 -8.12 -11.31 -13.95
CA GLU A 288 -8.59 -10.04 -13.39
C GLU A 288 -10.04 -10.18 -12.94
N VAL A 289 -10.79 -11.04 -13.62
CA VAL A 289 -12.18 -11.27 -13.25
C VAL A 289 -12.21 -12.07 -11.96
N THR A 290 -11.41 -13.15 -11.93
CA THR A 290 -11.33 -14.01 -10.75
C THR A 290 -10.89 -13.19 -9.53
N ARG A 291 -9.95 -12.29 -9.75
CA ARG A 291 -9.43 -11.43 -8.68
C ARG A 291 -10.55 -10.55 -8.11
N THR A 292 -11.34 -9.95 -9.00
CA THR A 292 -12.45 -9.07 -8.61
C THR A 292 -13.55 -9.83 -7.87
N VAL A 293 -13.93 -10.99 -8.39
CA VAL A 293 -14.97 -11.81 -7.79
C VAL A 293 -14.53 -12.31 -6.41
N ASN A 294 -13.30 -12.81 -6.30
CA ASN A 294 -12.80 -13.29 -5.03
C ASN A 294 -12.79 -12.18 -3.99
N THR A 295 -12.42 -10.98 -4.40
CA THR A 295 -12.40 -9.85 -3.47
C THR A 295 -13.82 -9.54 -2.99
N ALA A 296 -14.78 -9.52 -3.90
CA ALA A 296 -16.16 -9.24 -3.53
C ALA A 296 -16.67 -10.30 -2.57
N VAL A 297 -16.30 -11.56 -2.84
CA VAL A 297 -16.71 -12.65 -1.97
C VAL A 297 -16.11 -12.50 -0.59
N ALA A 298 -14.82 -12.17 -0.51
CA ALA A 298 -14.14 -12.00 0.77
C ALA A 298 -14.78 -10.87 1.58
N LEU A 299 -15.10 -9.77 0.92
CA LEU A 299 -15.74 -8.65 1.62
C LEU A 299 -17.08 -9.07 2.19
N THR A 300 -17.85 -9.84 1.42
CA THR A 300 -19.16 -10.29 1.87
C THR A 300 -19.02 -11.19 3.08
N LEU A 301 -18.14 -12.19 3.00
CA LEU A 301 -17.94 -13.07 4.15
C LEU A 301 -17.47 -12.28 5.37
N SER A 302 -16.63 -11.27 5.15
CA SER A 302 -16.13 -10.44 6.24
C SER A 302 -17.29 -9.74 6.96
N CYS A 303 -18.26 -9.26 6.19
CA CYS A 303 -19.43 -8.60 6.76
C CYS A 303 -20.17 -9.54 7.70
N PHE A 304 -20.03 -10.83 7.47
CA PHE A 304 -20.74 -11.79 8.31
C PHE A 304 -19.90 -12.64 9.27
N GLY A 305 -18.81 -12.07 9.76
CA GLY A 305 -18.02 -12.78 10.75
C GLY A 305 -16.63 -13.27 10.44
N THR A 306 -16.35 -13.55 9.18
CA THR A 306 -15.02 -14.03 8.82
C THR A 306 -13.98 -12.98 9.18
N LYS A 307 -13.02 -13.37 10.02
CA LYS A 307 -11.95 -12.49 10.47
C LYS A 307 -10.60 -12.97 9.99
N ARG A 308 -9.68 -12.05 9.73
CA ARG A 308 -8.37 -12.44 9.26
C ARG A 308 -7.54 -13.11 10.35
N GLU A 309 -7.82 -12.81 11.61
CA GLU A 309 -7.09 -13.45 12.70
C GLU A 309 -7.54 -14.92 12.80
N GLY A 310 -8.66 -15.24 12.16
CA GLY A 310 -9.18 -16.60 12.19
C GLY A 310 -10.54 -16.71 12.87
N ASN A 311 -11.14 -17.90 12.78
CA ASN A 311 -12.44 -18.20 13.36
C ASN A 311 -12.50 -19.66 13.80
N HIS A 312 -13.32 -19.96 14.81
CA HIS A 312 -13.49 -21.34 15.27
C HIS A 312 -14.89 -21.47 15.88
N LYS A 313 -15.45 -22.68 15.83
CA LYS A 313 -16.79 -22.93 16.36
C LYS A 313 -16.83 -22.94 17.89
N PRO A 314 -17.90 -22.37 18.46
CA PRO A 314 -18.05 -22.33 19.91
C PRO A 314 -18.34 -23.72 20.45
N GLU A 315 -18.14 -23.91 21.75
CA GLU A 315 -18.39 -25.21 22.38
C GLU A 315 -17.78 -26.36 21.58
N THR A 316 -16.52 -26.20 21.19
CA THR A 316 -15.80 -27.22 20.45
C THR A 316 -14.34 -27.21 20.90
N ASP A 317 -13.91 -28.28 21.55
CA ASP A 317 -12.53 -28.37 22.03
C ASP A 317 -11.65 -28.99 20.96
N TYR A 318 -11.11 -28.13 20.10
CA TYR A 318 -10.26 -28.55 19.00
C TYR A 318 -9.02 -29.35 19.43
N LEU A 319 -8.60 -29.18 20.69
CA LEU A 319 -7.45 -29.90 21.20
C LEU A 319 -7.88 -31.25 21.80
N LYS B 6 29.24 -7.66 17.57
CA LYS B 6 29.01 -9.08 17.78
C LYS B 6 29.01 -9.83 16.45
N PRO B 7 29.78 -10.94 16.35
CA PRO B 7 29.89 -11.74 15.13
C PRO B 7 28.57 -12.34 14.63
N ILE B 8 28.54 -12.64 13.34
CA ILE B 8 27.36 -13.23 12.70
C ILE B 8 27.78 -14.56 12.08
N GLU B 9 26.96 -15.59 12.26
CA GLU B 9 27.25 -16.89 11.67
C GLU B 9 26.07 -17.41 10.87
N ILE B 10 26.28 -17.53 9.56
CA ILE B 10 25.25 -18.01 8.64
C ILE B 10 25.22 -19.53 8.63
N ILE B 11 24.02 -20.08 8.84
CA ILE B 11 23.84 -21.53 8.87
C ILE B 11 22.76 -21.93 7.87
N GLY B 12 23.14 -22.65 6.83
CA GLY B 12 22.17 -23.08 5.84
C GLY B 12 21.41 -24.32 6.28
N ALA B 13 20.10 -24.31 6.10
CA ALA B 13 19.29 -25.45 6.47
C ALA B 13 18.44 -25.88 5.28
N PRO B 14 19.07 -26.48 4.26
CA PRO B 14 18.36 -26.93 3.07
C PRO B 14 17.53 -28.16 3.38
N PHE B 15 16.35 -27.93 3.95
CA PHE B 15 15.45 -29.01 4.35
C PHE B 15 14.02 -28.69 3.91
N SER B 16 13.32 -29.70 3.40
CA SER B 16 11.95 -29.49 2.93
C SER B 16 10.98 -30.58 3.38
N LYS B 17 11.43 -31.47 4.25
CA LYS B 17 10.59 -32.57 4.73
C LYS B 17 9.41 -32.11 5.58
N GLY B 18 9.49 -30.87 6.09
CA GLY B 18 8.39 -30.37 6.89
C GLY B 18 7.21 -30.05 6.00
N GLN B 19 7.43 -30.12 4.69
CA GLN B 19 6.38 -29.82 3.72
C GLN B 19 6.04 -31.03 2.85
N PRO B 20 4.86 -31.00 2.21
CA PRO B 20 4.43 -32.11 1.34
C PRO B 20 5.15 -32.13 0.00
N ARG B 21 5.50 -30.95 -0.51
CA ARG B 21 6.20 -30.81 -1.79
C ARG B 21 7.65 -30.35 -1.56
N GLY B 22 8.51 -30.58 -2.54
CA GLY B 22 9.90 -30.19 -2.42
C GLY B 22 10.20 -28.85 -3.08
N GLY B 23 11.44 -28.41 -2.96
CA GLY B 23 11.85 -27.14 -3.56
C GLY B 23 12.41 -26.11 -2.60
N VAL B 24 11.83 -26.02 -1.41
CA VAL B 24 12.29 -25.04 -0.44
C VAL B 24 13.70 -25.32 0.07
N GLU B 25 14.19 -26.54 -0.16
CA GLU B 25 15.53 -26.89 0.30
C GLU B 25 16.56 -26.14 -0.55
N LYS B 26 16.11 -25.61 -1.68
CA LYS B 26 16.97 -24.86 -2.60
C LYS B 26 17.05 -23.40 -2.18
N GLY B 27 16.33 -23.04 -1.12
CA GLY B 27 16.34 -21.67 -0.64
C GLY B 27 17.71 -21.13 -0.28
N PRO B 28 18.49 -21.84 0.54
CA PRO B 28 19.84 -21.36 0.93
C PRO B 28 20.71 -21.07 -0.28
N ALA B 29 20.70 -21.96 -1.26
CA ALA B 29 21.49 -21.79 -2.46
C ALA B 29 21.07 -20.51 -3.19
N ALA B 30 19.77 -20.32 -3.36
CA ALA B 30 19.26 -19.13 -4.05
C ALA B 30 19.69 -17.85 -3.33
N LEU B 31 19.62 -17.87 -2.01
CA LEU B 31 20.01 -16.71 -1.21
C LEU B 31 21.50 -16.41 -1.36
N ARG B 32 22.34 -17.43 -1.35
CA ARG B 32 23.77 -17.21 -1.49
C ARG B 32 24.10 -16.74 -2.90
N LYS B 33 23.39 -17.29 -3.87
CA LYS B 33 23.57 -16.94 -5.28
C LYS B 33 23.37 -15.43 -5.47
N ALA B 34 22.46 -14.86 -4.70
CA ALA B 34 22.17 -13.44 -4.79
C ALA B 34 23.20 -12.60 -4.04
N GLY B 35 24.21 -13.26 -3.49
CA GLY B 35 25.29 -12.57 -2.79
C GLY B 35 25.00 -12.13 -1.36
N LEU B 36 24.12 -12.84 -0.68
CA LEU B 36 23.78 -12.51 0.70
C LEU B 36 25.03 -12.41 1.59
N VAL B 37 25.86 -13.45 1.57
CA VAL B 37 27.07 -13.46 2.40
C VAL B 37 27.98 -12.25 2.14
N GLU B 38 28.29 -12.01 0.88
CA GLU B 38 29.15 -10.90 0.49
C GLU B 38 28.56 -9.56 0.92
N LYS B 39 27.26 -9.40 0.71
CA LYS B 39 26.58 -8.17 1.07
C LYS B 39 26.58 -7.96 2.58
N LEU B 40 26.43 -9.04 3.34
CA LEU B 40 26.44 -8.93 4.80
C LEU B 40 27.80 -8.47 5.29
N LYS B 41 28.86 -8.85 4.57
CA LYS B 41 30.20 -8.46 4.98
C LYS B 41 30.44 -6.96 4.82
N GLU B 42 29.56 -6.28 4.11
CA GLU B 42 29.69 -4.84 3.92
C GLU B 42 29.06 -4.10 5.10
N THR B 43 28.35 -4.82 5.95
CA THR B 43 27.73 -4.18 7.11
C THR B 43 28.79 -4.01 8.18
N GLU B 44 28.35 -3.55 9.34
CA GLU B 44 29.23 -3.32 10.49
C GLU B 44 29.55 -4.61 11.25
N TYR B 45 28.95 -5.73 10.83
CA TYR B 45 29.18 -7.00 11.51
C TYR B 45 30.24 -7.88 10.87
N ASN B 46 30.87 -8.71 11.70
CA ASN B 46 31.88 -9.65 11.24
C ASN B 46 31.07 -10.87 10.85
N VAL B 47 31.26 -11.36 9.62
CA VAL B 47 30.48 -12.49 9.14
C VAL B 47 31.23 -13.79 8.91
N ARG B 48 30.63 -14.89 9.36
CA ARG B 48 31.21 -16.21 9.15
C ARG B 48 30.14 -17.10 8.54
N ASP B 49 30.52 -17.89 7.53
CA ASP B 49 29.57 -18.78 6.88
C ASP B 49 29.84 -20.22 7.33
N HIS B 50 28.88 -20.81 8.04
CA HIS B 50 29.02 -22.18 8.54
C HIS B 50 28.82 -23.18 7.39
N GLY B 51 28.21 -22.72 6.30
CA GLY B 51 27.94 -23.59 5.18
C GLY B 51 26.55 -24.16 5.35
N ASP B 52 26.17 -25.14 4.53
CA ASP B 52 24.85 -25.75 4.62
C ASP B 52 24.93 -27.10 5.35
N LEU B 53 24.03 -27.31 6.30
CA LEU B 53 24.02 -28.56 7.03
C LEU B 53 23.62 -29.71 6.11
N ALA B 54 24.19 -30.88 6.35
CA ALA B 54 23.87 -32.06 5.56
C ALA B 54 22.91 -32.88 6.41
N PHE B 55 21.70 -33.11 5.91
CA PHE B 55 20.72 -33.87 6.67
C PHE B 55 20.58 -35.32 6.20
N VAL B 56 20.57 -36.23 7.16
CA VAL B 56 20.45 -37.66 6.89
C VAL B 56 18.99 -38.10 6.88
N ASP B 57 18.51 -38.51 5.71
CA ASP B 57 17.13 -38.97 5.60
C ASP B 57 16.93 -40.27 6.35
N VAL B 58 16.00 -40.26 7.31
CA VAL B 58 15.71 -41.45 8.11
C VAL B 58 14.95 -42.47 7.27
N PRO B 59 15.55 -43.66 7.06
CA PRO B 59 14.93 -44.72 6.28
C PRO B 59 13.60 -45.21 6.85
N ASN B 60 12.69 -45.57 5.95
CA ASN B 60 11.36 -46.05 6.34
C ASN B 60 10.74 -45.14 7.40
N ASP B 61 10.73 -43.85 7.11
CA ASP B 61 10.17 -42.85 8.02
C ASP B 61 8.66 -42.79 7.83
N SER B 62 7.97 -43.84 8.28
CA SER B 62 6.52 -43.91 8.15
C SER B 62 5.81 -42.86 9.00
N PRO B 63 4.61 -42.44 8.54
CA PRO B 63 3.81 -41.43 9.24
C PRO B 63 3.40 -41.80 10.65
N PHE B 64 3.58 -40.86 11.58
CA PHE B 64 3.16 -41.09 12.95
C PHE B 64 1.74 -40.55 12.97
N GLN B 65 0.77 -41.43 12.87
CA GLN B 65 -0.64 -41.04 12.80
C GLN B 65 -0.75 -40.21 11.53
N ILE B 66 -1.12 -38.94 11.65
CA ILE B 66 -1.25 -38.09 10.45
C ILE B 66 0.07 -37.38 10.09
N VAL B 67 0.96 -37.23 11.08
CA VAL B 67 2.24 -36.55 10.89
C VAL B 67 3.16 -37.23 9.88
N LYS B 68 3.69 -36.43 8.96
CA LYS B 68 4.58 -36.93 7.91
C LYS B 68 6.06 -36.69 8.19
N ASN B 69 6.90 -37.61 7.74
CA ASN B 69 8.36 -37.55 7.93
C ASN B 69 8.78 -37.12 9.33
N PRO B 70 8.10 -37.64 10.37
CA PRO B 70 8.47 -37.25 11.73
C PRO B 70 9.92 -37.46 12.13
N ARG B 71 10.47 -38.63 11.84
CA ARG B 71 11.85 -38.92 12.23
C ARG B 71 12.87 -38.07 11.46
N SER B 72 12.62 -37.86 10.17
CA SER B 72 13.53 -37.06 9.36
C SER B 72 13.51 -35.61 9.83
N VAL B 73 12.33 -35.07 10.09
CA VAL B 73 12.21 -33.69 10.53
C VAL B 73 12.82 -33.54 11.94
N GLY B 74 12.50 -34.49 12.83
CA GLY B 74 13.03 -34.44 14.18
C GLY B 74 14.55 -34.53 14.23
N LYS B 75 15.12 -35.36 13.36
CA LYS B 75 16.57 -35.54 13.31
C LYS B 75 17.28 -34.30 12.76
N ALA B 76 16.72 -33.73 11.70
CA ALA B 76 17.30 -32.53 11.08
C ALA B 76 17.35 -31.40 12.11
N ASN B 77 16.26 -31.26 12.86
CA ASN B 77 16.16 -30.20 13.86
C ASN B 77 17.07 -30.43 15.08
N GLU B 78 17.32 -31.69 15.42
CA GLU B 78 18.19 -31.97 16.54
C GLU B 78 19.61 -31.52 16.13
N GLN B 79 19.99 -31.81 14.89
CA GLN B 79 21.30 -31.42 14.39
C GLN B 79 21.43 -29.90 14.32
N LEU B 80 20.40 -29.24 13.81
CA LEU B 80 20.44 -27.78 13.71
C LEU B 80 20.54 -27.15 15.10
N ALA B 81 19.75 -27.65 16.05
CA ALA B 81 19.78 -27.13 17.42
C ALA B 81 21.19 -27.20 18.00
N ALA B 82 21.88 -28.31 17.75
CA ALA B 82 23.24 -28.48 18.25
C ALA B 82 24.16 -27.42 17.64
N VAL B 83 24.07 -27.25 16.32
CA VAL B 83 24.90 -26.25 15.64
C VAL B 83 24.61 -24.84 16.14
N VAL B 84 23.33 -24.51 16.27
CA VAL B 84 22.95 -23.18 16.74
C VAL B 84 23.40 -22.96 18.17
N ALA B 85 23.19 -23.93 19.04
CA ALA B 85 23.60 -23.81 20.44
C ALA B 85 25.08 -23.45 20.52
N GLU B 86 25.90 -24.13 19.71
CA GLU B 86 27.34 -23.90 19.68
C GLU B 86 27.70 -22.48 19.24
N THR B 87 27.13 -22.01 18.13
CA THR B 87 27.44 -20.66 17.66
C THR B 87 26.99 -19.65 18.71
N GLN B 88 25.83 -19.90 19.30
CA GLN B 88 25.31 -19.00 20.34
C GLN B 88 26.26 -18.99 21.53
N LYS B 89 26.79 -20.16 21.88
CA LYS B 89 27.71 -20.30 23.00
C LYS B 89 28.93 -19.41 22.82
N ASN B 90 29.42 -19.31 21.60
CA ASN B 90 30.59 -18.49 21.29
C ASN B 90 30.25 -17.01 21.18
N GLY B 91 29.03 -16.65 21.56
CA GLY B 91 28.61 -15.26 21.53
C GLY B 91 28.36 -14.66 20.14
N THR B 92 27.94 -15.48 19.18
CA THR B 92 27.68 -14.95 17.85
C THR B 92 26.19 -15.05 17.52
N ILE B 93 25.74 -14.16 16.64
CA ILE B 93 24.34 -14.14 16.23
C ILE B 93 24.14 -15.17 15.13
N SER B 94 23.23 -16.10 15.35
CA SER B 94 22.95 -17.15 14.36
C SER B 94 21.92 -16.69 13.33
N VAL B 95 22.18 -17.00 12.06
CA VAL B 95 21.28 -16.66 10.97
C VAL B 95 21.02 -17.93 10.17
N VAL B 96 19.84 -18.50 10.37
CA VAL B 96 19.46 -19.73 9.69
C VAL B 96 18.71 -19.44 8.37
N LEU B 97 19.21 -20.00 7.28
CA LEU B 97 18.58 -19.83 5.98
C LEU B 97 17.78 -21.10 5.66
N GLY B 98 16.46 -20.97 5.55
CA GLY B 98 15.60 -22.11 5.27
C GLY B 98 15.46 -22.39 3.78
N GLY B 99 14.84 -23.49 3.40
CA GLY B 99 14.30 -24.46 4.35
C GLY B 99 12.89 -24.13 4.80
N ASP B 100 12.10 -25.14 5.11
CA ASP B 100 10.74 -24.90 5.56
C ASP B 100 10.76 -24.52 7.03
N HIS B 101 9.70 -23.88 7.49
CA HIS B 101 9.62 -23.39 8.86
C HIS B 101 9.68 -24.42 10.00
N SER B 102 9.64 -25.71 9.68
CA SER B 102 9.73 -26.70 10.74
C SER B 102 11.12 -26.59 11.39
N MET B 103 12.07 -26.02 10.64
CA MET B 103 13.43 -25.87 11.15
C MET B 103 13.54 -24.85 12.28
N ALA B 104 12.45 -24.15 12.57
CA ALA B 104 12.45 -23.19 13.67
C ALA B 104 12.54 -23.96 14.98
N ILE B 105 12.10 -25.21 14.96
CA ILE B 105 12.15 -26.04 16.16
C ILE B 105 13.60 -26.15 16.60
N GLY B 106 14.48 -26.54 15.68
CA GLY B 106 15.89 -26.67 16.01
C GLY B 106 16.57 -25.33 16.25
N SER B 107 16.25 -24.34 15.41
CA SER B 107 16.84 -23.01 15.55
C SER B 107 16.54 -22.40 16.91
N ILE B 108 15.27 -22.30 17.26
CA ILE B 108 14.89 -21.72 18.54
C ILE B 108 15.34 -22.59 19.71
N SER B 109 15.25 -23.91 19.57
CA SER B 109 15.66 -24.83 20.64
C SER B 109 17.14 -24.64 20.98
N GLY B 110 17.99 -24.61 19.95
CA GLY B 110 19.41 -24.42 20.18
C GLY B 110 19.71 -23.05 20.76
N HIS B 111 18.96 -22.05 20.33
CA HIS B 111 19.14 -20.68 20.79
C HIS B 111 18.80 -20.58 22.28
N ALA B 112 17.70 -21.23 22.67
CA ALA B 112 17.24 -21.21 24.06
C ALA B 112 18.18 -21.93 25.01
N ARG B 113 19.02 -22.82 24.50
CA ARG B 113 19.96 -23.54 25.36
C ARG B 113 21.00 -22.58 25.93
N VAL B 114 21.24 -21.48 25.22
CA VAL B 114 22.22 -20.50 25.65
C VAL B 114 21.54 -19.26 26.23
N HIS B 115 20.38 -18.90 25.67
CA HIS B 115 19.62 -17.75 26.17
C HIS B 115 18.21 -18.17 26.48
N PRO B 116 18.02 -18.86 27.61
CA PRO B 116 16.70 -19.33 28.02
C PRO B 116 15.66 -18.24 28.24
N ASP B 117 16.11 -16.99 28.41
CA ASP B 117 15.19 -15.88 28.63
C ASP B 117 14.83 -15.13 27.34
N LEU B 118 15.14 -15.72 26.20
CA LEU B 118 14.87 -15.11 24.90
C LEU B 118 13.38 -14.97 24.61
N CYS B 119 13.04 -14.03 23.72
CA CYS B 119 11.66 -13.85 23.32
C CYS B 119 11.64 -14.11 21.81
N VAL B 120 10.46 -14.38 21.27
CA VAL B 120 10.33 -14.69 19.86
C VAL B 120 9.35 -13.77 19.14
N ILE B 121 9.78 -13.23 18.01
CA ILE B 121 8.92 -12.39 17.18
C ILE B 121 8.79 -13.23 15.91
N TRP B 122 7.56 -13.69 15.66
CA TRP B 122 7.27 -14.57 14.54
C TRP B 122 6.47 -13.83 13.46
N VAL B 123 7.13 -13.51 12.35
CA VAL B 123 6.50 -12.80 11.24
C VAL B 123 6.04 -13.86 10.24
N ASP B 124 4.73 -13.95 10.05
CA ASP B 124 4.19 -15.01 9.23
C ASP B 124 2.70 -14.74 8.95
N ALA B 125 2.18 -15.28 7.86
CA ALA B 125 0.75 -15.14 7.58
C ALA B 125 0.06 -16.21 8.41
N HIS B 126 0.85 -17.14 8.92
CA HIS B 126 0.35 -18.26 9.72
C HIS B 126 0.94 -18.35 11.11
N THR B 127 0.21 -19.00 12.02
CA THR B 127 0.64 -19.18 13.40
C THR B 127 1.56 -20.41 13.52
N ASP B 128 1.46 -21.35 12.57
CA ASP B 128 2.28 -22.56 12.61
C ASP B 128 2.25 -23.20 13.99
N ILE B 129 1.08 -23.19 14.60
CA ILE B 129 0.91 -23.73 15.94
C ILE B 129 0.00 -24.96 16.02
N ASN B 130 -0.22 -25.63 14.89
CA ASN B 130 -1.04 -26.84 14.89
C ASN B 130 -0.26 -27.92 15.63
N THR B 131 -0.96 -28.79 16.35
CA THR B 131 -0.31 -29.88 17.07
C THR B 131 -0.53 -31.13 16.21
N PRO B 132 0.14 -32.23 16.55
CA PRO B 132 -0.05 -33.46 15.76
C PRO B 132 -1.52 -33.89 15.75
N LEU B 133 -2.28 -33.42 16.75
CA LEU B 133 -3.70 -33.77 16.84
C LEU B 133 -4.65 -32.79 16.12
N THR B 134 -4.26 -31.52 16.04
CA THR B 134 -5.12 -30.53 15.36
C THR B 134 -4.82 -30.37 13.87
N THR B 135 -3.62 -30.70 13.45
CA THR B 135 -3.24 -30.57 12.04
C THR B 135 -4.16 -31.35 11.10
N SER B 136 -4.47 -30.74 9.95
CA SER B 136 -5.32 -31.37 8.94
C SER B 136 -4.43 -31.98 7.86
N SER B 137 -3.20 -31.47 7.77
CA SER B 137 -2.25 -31.93 6.76
C SER B 137 -1.18 -32.89 7.27
N GLY B 138 -0.78 -32.71 8.53
CA GLY B 138 0.24 -33.56 9.10
C GLY B 138 1.62 -33.04 8.72
N ASN B 139 1.67 -31.92 8.00
CA ASN B 139 2.95 -31.35 7.60
C ASN B 139 3.55 -30.64 8.81
N LEU B 140 4.81 -30.93 9.11
CA LEU B 140 5.44 -30.33 10.27
C LEU B 140 5.79 -28.85 10.13
N GLY B 142 3.79 -26.64 9.64
CA GLY B 142 2.69 -25.89 10.21
C GLY B 142 2.51 -26.21 11.69
N GLN B 143 3.53 -26.82 12.29
CA GLN B 143 3.48 -27.20 13.71
C GLN B 143 4.67 -26.77 14.59
N PRO B 144 5.65 -26.05 14.04
CA PRO B 144 6.82 -25.64 14.85
C PRO B 144 6.54 -25.14 16.26
N VAL B 145 5.73 -24.10 16.35
CA VAL B 145 5.42 -23.49 17.64
C VAL B 145 4.80 -24.44 18.67
N ALA B 146 4.03 -25.42 18.20
CA ALA B 146 3.40 -26.38 19.12
C ALA B 146 4.46 -27.22 19.85
N PHE B 147 5.58 -27.50 19.20
CA PHE B 147 6.64 -28.28 19.82
C PHE B 147 7.51 -27.44 20.75
N LEU B 148 7.45 -26.13 20.59
CA LEU B 148 8.25 -25.22 21.38
C LEU B 148 7.57 -24.66 22.63
N LEU B 149 6.25 -24.53 22.61
CA LEU B 149 5.53 -23.95 23.75
C LEU B 149 5.38 -24.85 24.97
N LYS B 150 5.71 -24.28 26.12
CA LYS B 150 5.61 -25.02 27.38
C LYS B 150 4.17 -25.41 27.70
N GLU B 151 3.24 -24.49 27.45
CA GLU B 151 1.82 -24.74 27.74
C GLU B 151 1.19 -25.85 26.90
N LEU B 152 1.85 -26.23 25.81
CA LEU B 152 1.33 -27.28 24.94
C LEU B 152 1.94 -28.64 25.25
N LYS B 153 2.90 -28.64 26.18
CA LYS B 153 3.57 -29.87 26.57
C LYS B 153 2.54 -30.88 27.09
N GLY B 154 2.59 -32.09 26.56
CA GLY B 154 1.67 -33.13 26.99
C GLY B 154 0.26 -33.01 26.42
N LYS B 155 0.07 -32.09 25.47
CA LYS B 155 -1.25 -31.91 24.86
C LYS B 155 -1.39 -32.77 23.60
N PHE B 156 -0.31 -33.44 23.21
CA PHE B 156 -0.31 -34.31 22.05
C PHE B 156 0.69 -35.45 22.29
N PRO B 157 0.48 -36.61 21.64
CA PRO B 157 1.37 -37.75 21.80
C PRO B 157 2.81 -37.46 21.37
N ASP B 158 3.77 -38.10 22.06
CA ASP B 158 5.18 -37.90 21.73
C ASP B 158 5.42 -38.40 20.30
N VAL B 159 5.95 -37.52 19.46
CA VAL B 159 6.22 -37.85 18.06
C VAL B 159 7.63 -38.42 17.89
N PRO B 160 7.75 -39.53 17.15
CA PRO B 160 9.06 -40.16 16.92
C PRO B 160 10.06 -39.17 16.32
N GLY B 161 11.23 -39.08 16.94
CA GLY B 161 12.27 -38.18 16.47
C GLY B 161 12.36 -36.85 17.20
N PHE B 162 11.42 -36.57 18.09
CA PHE B 162 11.42 -35.30 18.82
C PHE B 162 11.55 -35.43 20.34
N SER B 163 11.95 -36.60 20.82
CA SER B 163 12.09 -36.79 22.26
C SER B 163 13.17 -35.89 22.86
N TRP B 164 14.08 -35.41 22.01
CA TRP B 164 15.17 -34.54 22.44
C TRP B 164 14.68 -33.13 22.71
N VAL B 165 13.49 -32.80 22.20
CA VAL B 165 12.93 -31.47 22.37
C VAL B 165 12.36 -31.21 23.75
N THR B 166 12.70 -30.05 24.30
CA THR B 166 12.18 -29.64 25.60
C THR B 166 11.55 -28.27 25.42
N PRO B 167 10.22 -28.16 25.59
CA PRO B 167 9.53 -26.88 25.43
C PRO B 167 10.34 -25.79 26.14
N CYS B 168 10.80 -24.80 25.38
CA CYS B 168 11.63 -23.74 25.95
C CYS B 168 11.01 -22.37 26.14
N ILE B 169 9.97 -22.04 25.39
CA ILE B 169 9.36 -20.73 25.58
C ILE B 169 7.90 -20.82 25.97
N SER B 170 7.46 -19.82 26.74
CA SER B 170 6.09 -19.75 27.19
C SER B 170 5.29 -18.93 26.21
N ALA B 171 3.99 -19.17 26.21
CA ALA B 171 3.09 -18.45 25.32
C ALA B 171 3.20 -16.94 25.48
N LYS B 172 3.72 -16.50 26.64
CA LYS B 172 3.86 -15.07 26.90
C LYS B 172 5.15 -14.47 26.35
N ASP B 173 6.04 -15.30 25.81
CA ASP B 173 7.31 -14.81 25.27
C ASP B 173 7.34 -14.75 23.75
N ILE B 174 6.19 -14.90 23.11
CA ILE B 174 6.14 -14.85 21.65
C ILE B 174 5.10 -13.85 21.16
N VAL B 175 5.43 -13.17 20.06
CA VAL B 175 4.51 -12.21 19.46
C VAL B 175 4.44 -12.48 17.95
N TYR B 176 3.22 -12.68 17.46
CA TYR B 176 2.99 -12.93 16.03
C TYR B 176 2.69 -11.61 15.32
N ILE B 177 3.22 -11.46 14.11
CA ILE B 177 2.95 -10.27 13.30
C ILE B 177 2.68 -10.72 11.85
N GLY B 178 1.52 -10.35 11.31
CA GLY B 178 1.19 -10.69 9.93
C GLY B 178 0.09 -11.70 9.68
N LEU B 179 -0.43 -12.30 10.74
CA LEU B 179 -1.46 -13.34 10.64
C LEU B 179 -2.66 -13.01 9.77
N ARG B 180 -3.05 -13.98 8.93
CA ARG B 180 -4.21 -13.80 8.06
C ARG B 180 -4.72 -15.13 7.49
N ASP B 181 -4.17 -16.25 7.96
CA ASP B 181 -4.58 -17.58 7.49
C ASP B 181 -4.38 -18.55 8.65
N VAL B 182 -5.28 -18.50 9.61
CA VAL B 182 -5.22 -19.33 10.82
C VAL B 182 -6.33 -20.39 10.84
N ASP B 183 -5.97 -21.64 11.08
CA ASP B 183 -6.96 -22.72 11.14
C ASP B 183 -7.79 -22.60 12.41
N PRO B 184 -9.02 -23.13 12.42
CA PRO B 184 -9.87 -23.06 13.60
C PRO B 184 -9.14 -23.54 14.87
N GLY B 185 -8.50 -24.69 14.77
CA GLY B 185 -7.78 -25.22 15.92
C GLY B 185 -6.68 -24.28 16.41
N GLU B 186 -5.97 -23.68 15.47
CA GLU B 186 -4.90 -22.76 15.83
C GLU B 186 -5.46 -21.52 16.51
N HIS B 187 -6.59 -21.03 16.01
CA HIS B 187 -7.22 -19.85 16.58
C HIS B 187 -7.68 -20.18 18.00
N TYR B 188 -8.19 -21.40 18.17
CA TYR B 188 -8.62 -21.83 19.50
C TYR B 188 -7.41 -21.82 20.44
N ILE B 189 -6.28 -22.35 19.94
CA ILE B 189 -5.07 -22.40 20.74
C ILE B 189 -4.49 -21.03 21.12
N ILE B 190 -4.36 -20.11 20.16
CA ILE B 190 -3.80 -18.81 20.50
C ILE B 190 -4.71 -18.00 21.41
N LYS B 191 -6.02 -18.19 21.29
CA LYS B 191 -6.95 -17.46 22.14
C LYS B 191 -6.94 -18.09 23.53
N THR B 192 -7.00 -19.43 23.58
CA THR B 192 -7.00 -20.14 24.85
C THR B 192 -5.69 -19.95 25.63
N LEU B 193 -4.57 -19.87 24.92
CA LEU B 193 -3.27 -19.67 25.56
C LEU B 193 -2.95 -18.21 25.81
N GLY B 194 -3.79 -17.31 25.30
CA GLY B 194 -3.56 -15.89 25.50
C GLY B 194 -2.29 -15.36 24.82
N ILE B 195 -1.98 -15.89 23.64
CA ILE B 195 -0.81 -15.46 22.90
C ILE B 195 -1.03 -14.07 22.31
N LYS B 196 0.00 -13.23 22.39
CA LYS B 196 -0.05 -11.87 21.88
C LYS B 196 0.17 -11.89 20.36
N TYR B 197 -0.70 -11.20 19.62
CA TYR B 197 -0.55 -11.17 18.17
C TYR B 197 -1.06 -9.89 17.52
N PHE B 198 -0.53 -9.61 16.34
CA PHE B 198 -0.95 -8.46 15.55
C PHE B 198 -1.24 -9.04 14.16
N SER B 199 -2.50 -9.43 13.94
CA SER B 199 -2.90 -9.98 12.65
C SER B 199 -2.95 -8.78 11.72
N MET B 200 -3.21 -9.03 10.44
CA MET B 200 -3.27 -7.92 9.50
C MET B 200 -4.32 -6.91 9.94
N THR B 201 -5.34 -7.37 10.67
CA THR B 201 -6.39 -6.47 11.15
C THR B 201 -5.76 -5.44 12.09
N GLU B 202 -4.91 -5.88 13.00
CA GLU B 202 -4.26 -4.96 13.94
C GLU B 202 -3.27 -4.05 13.22
N VAL B 203 -2.59 -4.59 12.21
CA VAL B 203 -1.64 -3.77 11.46
C VAL B 203 -2.40 -2.67 10.73
N ASP B 204 -3.56 -2.99 10.16
CA ASP B 204 -4.37 -1.99 9.45
C ASP B 204 -4.85 -0.92 10.43
N LYS B 205 -5.29 -1.35 11.60
CA LYS B 205 -5.79 -0.44 12.62
C LYS B 205 -4.73 0.48 13.20
N LEU B 206 -3.63 -0.11 13.66
CA LEU B 206 -2.56 0.63 14.31
C LEU B 206 -1.49 1.26 13.43
N GLY B 207 -1.14 0.59 12.34
CA GLY B 207 -0.06 1.09 11.50
C GLY B 207 1.13 0.31 12.03
N ILE B 208 2.09 -0.02 11.15
CA ILE B 208 3.24 -0.80 11.55
C ILE B 208 4.08 -0.10 12.62
N GLY B 209 4.03 1.23 12.64
CA GLY B 209 4.81 1.97 13.62
C GLY B 209 4.37 1.63 15.04
N LYS B 210 3.06 1.69 15.28
CA LYS B 210 2.51 1.40 16.60
C LYS B 210 2.63 -0.09 16.94
N VAL B 211 2.51 -0.95 15.92
CA VAL B 211 2.64 -2.38 16.15
C VAL B 211 4.01 -2.73 16.76
N MET B 212 5.07 -2.13 16.23
CA MET B 212 6.39 -2.43 16.76
C MET B 212 6.57 -1.85 18.17
N GLU B 213 6.00 -0.68 18.42
CA GLU B 213 6.12 -0.08 19.76
C GLU B 213 5.50 -1.02 20.77
N GLU B 214 4.28 -1.48 20.46
CA GLU B 214 3.57 -2.39 21.36
C GLU B 214 4.23 -3.75 21.47
N THR B 215 4.82 -4.23 20.38
CA THR B 215 5.50 -5.53 20.41
C THR B 215 6.67 -5.46 21.38
N PHE B 216 7.42 -4.37 21.31
CA PHE B 216 8.57 -4.21 22.19
C PHE B 216 8.16 -3.96 23.66
N SER B 217 7.13 -3.15 23.88
CA SER B 217 6.70 -2.90 25.27
C SER B 217 6.20 -4.19 25.90
N TYR B 218 5.53 -5.03 25.11
CA TYR B 218 5.02 -6.30 25.60
C TYR B 218 6.13 -7.30 25.93
N LEU B 219 7.09 -7.45 25.02
CA LEU B 219 8.18 -8.40 25.21
C LEU B 219 9.39 -7.88 26.00
N LEU B 220 9.66 -6.58 25.91
CA LEU B 220 10.83 -6.00 26.57
C LEU B 220 10.57 -4.95 27.66
N GLY B 221 9.32 -4.47 27.76
CA GLY B 221 9.00 -3.46 28.74
C GLY B 221 9.39 -3.80 30.17
N ARG B 222 9.23 -5.06 30.53
CA ARG B 222 9.54 -5.52 31.89
C ARG B 222 11.02 -5.84 32.07
N LYS B 223 11.65 -6.40 31.05
CA LYS B 223 13.06 -6.76 31.11
C LYS B 223 13.65 -6.94 29.73
N LYS B 224 14.88 -6.47 29.53
CA LYS B 224 15.54 -6.60 28.24
C LYS B 224 16.16 -7.99 28.11
N ARG B 225 15.82 -8.70 27.04
CA ARG B 225 16.35 -10.04 26.79
C ARG B 225 16.59 -10.23 25.31
N PRO B 226 17.32 -11.30 24.94
CA PRO B 226 17.61 -11.60 23.54
C PRO B 226 16.35 -11.77 22.70
N ILE B 227 16.43 -11.33 21.44
CA ILE B 227 15.31 -11.44 20.52
C ILE B 227 15.61 -12.50 19.46
N HIS B 228 14.66 -13.40 19.24
CA HIS B 228 14.83 -14.37 18.18
C HIS B 228 13.76 -14.00 17.16
N LEU B 229 14.19 -13.58 15.97
CA LEU B 229 13.25 -13.22 14.92
C LEU B 229 13.12 -14.36 13.91
N SER B 230 11.94 -14.98 13.86
CA SER B 230 11.71 -16.08 12.91
C SER B 230 10.85 -15.48 11.80
N PHE B 231 11.48 -15.21 10.67
CA PHE B 231 10.78 -14.58 9.55
C PHE B 231 10.42 -15.53 8.41
N ASP B 232 9.12 -15.74 8.25
CA ASP B 232 8.59 -16.57 7.16
C ASP B 232 8.29 -15.56 6.05
N VAL B 233 8.90 -15.74 4.89
CA VAL B 233 8.70 -14.84 3.78
C VAL B 233 7.22 -14.66 3.35
N ASP B 234 6.37 -15.65 3.61
CA ASP B 234 4.97 -15.49 3.21
C ASP B 234 4.22 -14.51 4.12
N GLY B 235 4.94 -13.94 5.08
CA GLY B 235 4.33 -12.94 5.94
C GLY B 235 4.07 -11.71 5.09
N LEU B 236 4.92 -11.48 4.09
CA LEU B 236 4.73 -10.36 3.18
C LEU B 236 3.75 -10.78 2.09
N ASP B 237 3.07 -9.81 1.51
CA ASP B 237 2.09 -10.06 0.46
C ASP B 237 2.74 -10.77 -0.73
N PRO B 238 2.00 -11.70 -1.37
CA PRO B 238 2.51 -12.45 -2.52
C PRO B 238 3.06 -11.57 -3.64
N VAL B 239 2.69 -10.29 -3.64
CA VAL B 239 3.18 -9.36 -4.67
C VAL B 239 4.66 -9.06 -4.46
N PHE B 240 5.14 -9.29 -3.23
CA PHE B 240 6.53 -9.04 -2.89
C PHE B 240 7.36 -10.32 -2.76
N THR B 241 6.75 -11.37 -2.25
CA THR B 241 7.44 -12.63 -2.07
C THR B 241 6.58 -13.79 -2.59
N PRO B 242 6.34 -13.82 -3.91
CA PRO B 242 5.52 -14.86 -4.53
C PRO B 242 6.05 -16.29 -4.53
N ALA B 243 7.38 -16.45 -4.60
CA ALA B 243 7.98 -17.79 -4.63
C ALA B 243 8.06 -18.41 -3.23
N THR B 244 6.91 -18.86 -2.74
CA THR B 244 6.82 -19.45 -1.42
C THR B 244 5.66 -20.45 -1.42
N GLY B 245 5.75 -21.47 -0.58
CA GLY B 245 4.74 -22.52 -0.54
C GLY B 245 3.27 -22.19 -0.26
N THR B 246 3.02 -21.28 0.68
CA THR B 246 1.64 -20.95 1.04
C THR B 246 1.37 -19.44 0.99
N PRO B 247 1.31 -18.86 -0.21
CA PRO B 247 1.04 -17.42 -0.34
C PRO B 247 -0.39 -17.08 0.07
N VAL B 248 -0.55 -15.96 0.76
CA VAL B 248 -1.87 -15.51 1.20
C VAL B 248 -2.01 -14.01 0.90
N VAL B 249 -3.05 -13.66 0.15
CA VAL B 249 -3.28 -12.26 -0.21
C VAL B 249 -3.52 -11.35 1.00
N GLY B 250 -3.24 -10.05 0.82
CA GLY B 250 -3.44 -9.09 1.88
C GLY B 250 -2.36 -9.10 2.95
N GLY B 251 -1.11 -9.34 2.55
CA GLY B 251 -0.02 -9.38 3.51
C GLY B 251 0.72 -8.07 3.79
N LEU B 252 1.80 -8.18 4.56
CA LEU B 252 2.61 -7.03 4.90
C LEU B 252 3.26 -6.54 3.61
N SER B 253 3.46 -5.22 3.50
CA SER B 253 4.09 -4.66 2.32
C SER B 253 5.59 -4.80 2.45
N TYR B 254 6.30 -4.50 1.36
CA TYR B 254 7.75 -4.56 1.37
C TYR B 254 8.24 -3.54 2.43
N ARG B 255 7.66 -2.35 2.39
CA ARG B 255 8.02 -1.30 3.33
C ARG B 255 7.82 -1.73 4.79
N GLU B 256 6.69 -2.35 5.08
CA GLU B 256 6.41 -2.79 6.44
C GLU B 256 7.39 -3.86 6.91
N GLY B 257 7.77 -4.76 5.99
CA GLY B 257 8.72 -5.80 6.36
C GLY B 257 10.05 -5.19 6.76
N LEU B 258 10.51 -4.22 5.98
CA LEU B 258 11.77 -3.56 6.29
C LEU B 258 11.65 -2.71 7.55
N TYR B 259 10.47 -2.14 7.81
CA TYR B 259 10.30 -1.34 9.01
C TYR B 259 10.50 -2.25 10.23
N ILE B 260 9.87 -3.42 10.18
CA ILE B 260 9.99 -4.40 11.25
C ILE B 260 11.46 -4.71 11.53
N THR B 261 12.19 -5.05 10.48
CA THR B 261 13.60 -5.39 10.63
C THR B 261 14.47 -4.22 11.05
N GLU B 262 14.14 -3.01 10.59
CA GLU B 262 14.92 -1.83 10.97
C GLU B 262 14.74 -1.58 12.47
N GLU B 263 13.51 -1.72 12.95
CA GLU B 263 13.23 -1.54 14.38
C GLU B 263 13.90 -2.62 15.23
N ILE B 264 13.90 -3.86 14.73
CA ILE B 264 14.53 -4.92 15.48
C ILE B 264 16.03 -4.65 15.55
N TYR B 265 16.61 -4.16 14.47
CA TYR B 265 18.03 -3.84 14.47
C TYR B 265 18.33 -2.79 15.54
N LYS B 266 17.51 -1.74 15.57
CA LYS B 266 17.68 -0.65 16.51
C LYS B 266 17.62 -1.04 17.98
N THR B 267 16.98 -2.15 18.30
CA THR B 267 16.89 -2.58 19.70
C THR B 267 18.26 -3.02 20.21
N GLY B 268 19.11 -3.49 19.30
CA GLY B 268 20.42 -3.96 19.69
C GLY B 268 20.33 -5.30 20.40
N LEU B 269 19.15 -5.92 20.36
CA LEU B 269 18.93 -7.19 21.03
C LEU B 269 18.80 -8.44 20.15
N LEU B 270 18.84 -8.27 18.83
CA LEU B 270 18.72 -9.43 17.94
C LEU B 270 19.81 -10.45 18.26
N SER B 271 19.39 -11.68 18.55
CA SER B 271 20.33 -12.73 18.91
C SER B 271 20.26 -13.94 17.98
N GLY B 272 19.11 -14.15 17.36
CA GLY B 272 18.93 -15.27 16.45
C GLY B 272 17.95 -14.86 15.37
N LEU B 273 18.18 -15.33 14.14
CA LEU B 273 17.33 -14.98 13.01
C LEU B 273 17.09 -16.17 12.11
N ASP B 274 15.87 -16.28 11.57
CA ASP B 274 15.52 -17.34 10.63
C ASP B 274 14.92 -16.64 9.40
N ILE B 275 15.35 -17.03 8.22
CA ILE B 275 14.80 -16.49 6.97
C ILE B 275 14.27 -17.73 6.29
N MET B 276 12.96 -17.96 6.43
CA MET B 276 12.34 -19.17 5.92
C MET B 276 11.34 -19.09 4.79
N GLU B 277 11.08 -20.25 4.20
CA GLU B 277 10.12 -20.46 3.13
C GLU B 277 10.36 -19.84 1.75
N VAL B 278 11.61 -19.53 1.43
CA VAL B 278 11.90 -19.03 0.09
C VAL B 278 12.04 -20.30 -0.76
N ASN B 279 11.08 -20.54 -1.65
CA ASN B 279 11.10 -21.73 -2.51
C ASN B 279 11.25 -21.27 -3.97
N PRO B 280 12.49 -21.34 -4.51
CA PRO B 280 12.88 -20.96 -5.87
C PRO B 280 12.18 -21.71 -6.99
N THR B 281 11.56 -22.84 -6.68
CA THR B 281 10.87 -23.62 -7.70
C THR B 281 9.43 -23.17 -7.88
N LEU B 282 8.95 -22.33 -6.96
CA LEU B 282 7.57 -21.87 -7.03
C LEU B 282 7.32 -20.50 -7.66
N GLY B 283 8.32 -19.96 -8.36
CA GLY B 283 8.08 -18.68 -9.00
C GLY B 283 7.33 -18.95 -10.31
N LYS B 284 6.29 -18.17 -10.60
CA LYS B 284 5.54 -18.34 -11.85
C LYS B 284 6.42 -17.94 -13.03
N THR B 285 7.44 -17.15 -12.74
CA THR B 285 8.40 -16.68 -13.74
C THR B 285 9.73 -16.54 -13.02
N PRO B 286 10.83 -16.40 -13.78
CA PRO B 286 12.15 -16.26 -13.16
C PRO B 286 12.17 -15.01 -12.28
N GLU B 287 11.53 -13.95 -12.77
CA GLU B 287 11.49 -12.68 -12.07
C GLU B 287 10.80 -12.77 -10.70
N GLU B 288 9.77 -13.60 -10.57
CA GLU B 288 9.08 -13.73 -9.29
C GLU B 288 10.03 -14.36 -8.27
N VAL B 289 10.95 -15.20 -8.74
CA VAL B 289 11.91 -15.83 -7.85
C VAL B 289 12.93 -14.78 -7.44
N THR B 290 13.43 -14.03 -8.41
CA THR B 290 14.41 -12.97 -8.15
C THR B 290 13.82 -11.95 -7.17
N ARG B 291 12.55 -11.63 -7.37
CA ARG B 291 11.85 -10.67 -6.50
C ARG B 291 11.83 -11.17 -5.05
N THR B 292 11.49 -12.44 -4.87
CA THR B 292 11.40 -13.06 -3.56
C THR B 292 12.76 -13.14 -2.86
N VAL B 293 13.77 -13.57 -3.60
CA VAL B 293 15.13 -13.69 -3.07
C VAL B 293 15.68 -12.31 -2.68
N ASN B 294 15.51 -11.32 -3.55
CA ASN B 294 16.00 -9.97 -3.25
C ASN B 294 15.34 -9.43 -2.00
N THR B 295 14.04 -9.68 -1.84
CA THR B 295 13.33 -9.20 -0.66
C THR B 295 13.89 -9.87 0.61
N ALA B 296 14.12 -11.17 0.55
CA ALA B 296 14.66 -11.88 1.70
C ALA B 296 16.04 -11.35 2.04
N VAL B 297 16.83 -11.07 1.00
CA VAL B 297 18.17 -10.53 1.22
C VAL B 297 18.09 -9.16 1.87
N ALA B 298 17.20 -8.30 1.37
CA ALA B 298 17.06 -6.95 1.92
C ALA B 298 16.64 -6.99 3.39
N LEU B 299 15.71 -7.88 3.72
CA LEU B 299 15.28 -8.00 5.11
C LEU B 299 16.43 -8.42 6.00
N THR B 300 17.25 -9.36 5.52
CA THR B 300 18.38 -9.84 6.30
C THR B 300 19.38 -8.71 6.53
N LEU B 301 19.75 -8.00 5.48
CA LEU B 301 20.67 -6.88 5.64
C LEU B 301 20.10 -5.83 6.59
N SER B 302 18.79 -5.61 6.52
CA SER B 302 18.13 -4.63 7.39
C SER B 302 18.31 -5.02 8.85
N CYS B 303 18.19 -6.32 9.14
CA CYS B 303 18.36 -6.79 10.51
C CYS B 303 19.74 -6.47 11.03
N PHE B 304 20.69 -6.30 10.13
CA PHE B 304 22.06 -6.01 10.54
C PHE B 304 22.60 -4.61 10.27
N GLY B 305 21.70 -3.62 10.28
CA GLY B 305 22.17 -2.25 10.11
C GLY B 305 21.81 -1.45 8.89
N THR B 306 21.58 -2.12 7.76
CA THR B 306 21.24 -1.39 6.56
C THR B 306 19.94 -0.63 6.75
N LYS B 307 20.01 0.69 6.56
CA LYS B 307 18.85 1.58 6.73
C LYS B 307 18.48 2.24 5.41
N ARG B 308 17.19 2.50 5.23
CA ARG B 308 16.74 3.11 4.00
C ARG B 308 17.18 4.57 3.88
N GLU B 309 17.39 5.24 5.02
CA GLU B 309 17.84 6.63 4.98
C GLU B 309 19.31 6.66 4.51
N GLY B 310 19.96 5.50 4.56
CA GLY B 310 21.35 5.41 4.16
C GLY B 310 22.30 5.02 5.28
N ASN B 311 23.55 4.74 4.93
CA ASN B 311 24.60 4.34 5.87
C ASN B 311 25.96 4.89 5.42
N HIS B 312 26.85 5.10 6.37
CA HIS B 312 28.21 5.56 6.05
C HIS B 312 29.16 5.09 7.14
N LYS B 313 30.43 4.89 6.78
CA LYS B 313 31.43 4.41 7.74
C LYS B 313 31.85 5.48 8.74
N PRO B 314 32.06 5.07 10.00
CA PRO B 314 32.47 6.01 11.05
C PRO B 314 33.90 6.45 10.83
N GLU B 315 34.29 7.55 11.45
CA GLU B 315 35.65 8.07 11.31
C GLU B 315 36.10 8.10 9.86
N THR B 316 35.25 8.65 9.00
CA THR B 316 35.56 8.78 7.57
C THR B 316 34.95 10.08 7.07
N ASP B 317 35.79 11.03 6.70
CA ASP B 317 35.31 12.31 6.19
C ASP B 317 35.12 12.24 4.69
N TYR B 318 33.92 11.85 4.28
CA TYR B 318 33.58 11.70 2.87
C TYR B 318 33.74 12.98 2.06
N LEU B 319 33.71 14.13 2.73
CA LEU B 319 33.88 15.41 2.05
C LEU B 319 35.36 15.79 1.96
N LYS C 6 -2.64 33.74 -8.89
CA LYS C 6 -1.26 33.94 -9.42
C LYS C 6 -1.05 33.08 -10.68
N PRO C 7 -0.53 33.68 -11.75
CA PRO C 7 -0.27 33.00 -13.03
C PRO C 7 0.70 31.82 -12.94
N ILE C 8 0.57 30.91 -13.90
CA ILE C 8 1.44 29.74 -13.98
C ILE C 8 2.15 29.76 -15.33
N GLU C 9 3.45 29.47 -15.32
CA GLU C 9 4.22 29.42 -16.57
C GLU C 9 4.97 28.11 -16.70
N ILE C 10 4.57 27.33 -17.71
CA ILE C 10 5.18 26.04 -17.98
C ILE C 10 6.46 26.22 -18.80
N ILE C 11 7.55 25.62 -18.31
CA ILE C 11 8.84 25.72 -18.98
C ILE C 11 9.39 24.31 -19.23
N GLY C 12 9.50 23.93 -20.49
CA GLY C 12 10.01 22.61 -20.81
C GLY C 12 11.53 22.58 -20.79
N ALA C 13 12.10 21.55 -20.18
CA ALA C 13 13.55 21.42 -20.12
C ALA C 13 13.95 20.04 -20.64
N PRO C 14 13.83 19.84 -21.96
CA PRO C 14 14.19 18.55 -22.57
C PRO C 14 15.70 18.38 -22.58
N PHE C 15 16.24 17.95 -21.44
CA PHE C 15 17.68 17.77 -21.28
C PHE C 15 17.97 16.43 -20.60
N SER C 16 18.98 15.71 -21.08
CA SER C 16 19.32 14.42 -20.50
C SER C 16 20.83 14.22 -20.29
N LYS C 17 21.61 15.28 -20.47
CA LYS C 17 23.06 15.20 -20.30
C LYS C 17 23.49 14.94 -18.86
N GLY C 18 22.59 15.18 -17.91
CA GLY C 18 22.93 14.93 -16.52
C GLY C 18 22.96 13.44 -16.27
N GLN C 19 22.52 12.67 -17.26
CA GLN C 19 22.49 11.21 -17.12
C GLN C 19 23.38 10.52 -18.14
N PRO C 20 23.74 9.26 -17.89
CA PRO C 20 24.60 8.48 -18.79
C PRO C 20 23.87 8.03 -20.05
N ARG C 21 22.58 7.73 -19.92
CA ARG C 21 21.75 7.29 -21.04
C ARG C 21 20.75 8.38 -21.44
N GLY C 22 20.24 8.29 -22.67
CA GLY C 22 19.29 9.28 -23.13
C GLY C 22 17.85 8.83 -23.00
N GLY C 23 16.92 9.70 -23.37
CA GLY C 23 15.51 9.37 -23.28
C GLY C 23 14.68 10.31 -22.42
N VAL C 24 15.22 10.75 -21.30
CA VAL C 24 14.47 11.62 -20.40
C VAL C 24 14.20 13.00 -21.01
N GLU C 25 14.90 13.33 -22.09
CA GLU C 25 14.68 14.62 -22.73
C GLU C 25 13.33 14.62 -23.43
N LYS C 26 12.77 13.43 -23.61
CA LYS C 26 11.47 13.26 -24.25
C LYS C 26 10.34 13.41 -23.23
N GLY C 27 10.71 13.63 -21.97
CA GLY C 27 9.70 13.79 -20.93
C GLY C 27 8.71 14.92 -21.16
N PRO C 28 9.16 16.13 -21.46
CA PRO C 28 8.25 17.26 -21.69
C PRO C 28 7.22 16.96 -22.78
N ALA C 29 7.69 16.37 -23.88
CA ALA C 29 6.81 16.03 -24.99
C ALA C 29 5.73 15.05 -24.52
N ALA C 30 6.14 14.00 -23.80
CA ALA C 30 5.20 13.00 -23.31
C ALA C 30 4.14 13.64 -22.40
N LEU C 31 4.59 14.54 -21.53
CA LEU C 31 3.68 15.22 -20.62
C LEU C 31 2.67 16.08 -21.35
N ARG C 32 3.13 16.81 -22.37
CA ARG C 32 2.22 17.66 -23.14
C ARG C 32 1.25 16.81 -23.95
N LYS C 33 1.77 15.71 -24.48
CA LYS C 33 0.97 14.78 -25.27
C LYS C 33 -0.25 14.30 -24.47
N ALA C 34 -0.06 14.14 -23.16
CA ALA C 34 -1.12 13.69 -22.27
C ALA C 34 -2.09 14.82 -21.92
N GLY C 35 -1.85 16.00 -22.48
CA GLY C 35 -2.73 17.14 -22.26
C GLY C 35 -2.53 17.89 -20.96
N LEU C 36 -1.31 17.89 -20.44
CA LEU C 36 -1.03 18.60 -19.20
C LEU C 36 -1.43 20.07 -19.28
N VAL C 37 -0.97 20.77 -20.31
CA VAL C 37 -1.30 22.18 -20.45
C VAL C 37 -2.80 22.46 -20.45
N GLU C 38 -3.53 21.74 -21.31
CA GLU C 38 -4.98 21.89 -21.41
C GLU C 38 -5.68 21.62 -20.09
N LYS C 39 -5.24 20.55 -19.41
CA LYS C 39 -5.84 20.18 -18.14
C LYS C 39 -5.56 21.24 -17.07
N LEU C 40 -4.37 21.82 -17.10
CA LEU C 40 -4.03 22.86 -16.11
C LEU C 40 -4.92 24.08 -16.31
N LYS C 41 -5.32 24.34 -17.55
CA LYS C 41 -6.16 25.50 -17.82
C LYS C 41 -7.57 25.35 -17.24
N GLU C 42 -7.91 24.13 -16.83
CA GLU C 42 -9.22 23.90 -16.25
C GLU C 42 -9.19 24.20 -14.75
N THR C 43 -8.00 24.43 -14.20
CA THR C 43 -7.89 24.74 -12.79
C THR C 43 -8.22 26.21 -12.60
N GLU C 44 -8.04 26.68 -11.36
CA GLU C 44 -8.31 28.07 -11.01
C GLU C 44 -7.17 29.01 -11.41
N TYR C 45 -6.08 28.46 -11.95
CA TYR C 45 -4.93 29.27 -12.34
C TYR C 45 -4.91 29.66 -13.81
N ASN C 46 -4.27 30.79 -14.08
CA ASN C 46 -4.12 31.28 -15.44
C ASN C 46 -2.83 30.62 -15.91
N VAL C 47 -2.89 29.94 -17.05
CA VAL C 47 -1.72 29.22 -17.54
C VAL C 47 -1.07 29.73 -18.81
N ARG C 48 0.26 29.80 -18.80
CA ARG C 48 1.01 30.23 -19.96
C ARG C 48 2.08 29.19 -20.25
N ASP C 49 2.25 28.84 -21.52
CA ASP C 49 3.25 27.84 -21.90
C ASP C 49 4.43 28.54 -22.54
N HIS C 50 5.60 28.48 -21.89
CA HIS C 50 6.81 29.11 -22.41
C HIS C 50 7.39 28.30 -23.56
N GLY C 51 6.98 27.04 -23.65
CA GLY C 51 7.50 26.16 -24.69
C GLY C 51 8.68 25.40 -24.13
N ASP C 52 9.42 24.70 -24.98
CA ASP C 52 10.59 23.95 -24.53
C ASP C 52 11.88 24.70 -24.83
N LEU C 53 12.77 24.79 -23.85
CA LEU C 53 14.03 25.50 -24.07
C LEU C 53 14.89 24.70 -25.05
N ALA C 54 15.66 25.43 -25.86
CA ALA C 54 16.55 24.80 -26.82
C ALA C 54 17.95 24.88 -26.20
N PHE C 55 18.56 23.72 -25.98
CA PHE C 55 19.89 23.69 -25.37
C PHE C 55 21.00 23.47 -26.38
N VAL C 56 22.05 24.27 -26.26
CA VAL C 56 23.21 24.19 -27.14
C VAL C 56 24.26 23.24 -26.58
N ASP C 57 24.49 22.13 -27.27
CA ASP C 57 25.49 21.17 -26.84
C ASP C 57 26.89 21.75 -26.96
N VAL C 58 27.61 21.80 -25.84
CA VAL C 58 28.96 22.34 -25.83
C VAL C 58 29.92 21.35 -26.49
N PRO C 59 30.55 21.78 -27.60
CA PRO C 59 31.50 20.93 -28.34
C PRO C 59 32.71 20.50 -27.51
N ASN C 60 33.18 19.28 -27.76
CA ASN C 60 34.33 18.72 -27.06
C ASN C 60 34.18 18.93 -25.55
N ASP C 61 33.02 18.54 -25.03
CA ASP C 61 32.74 18.67 -23.60
C ASP C 61 33.36 17.49 -22.84
N SER C 62 34.68 17.49 -22.76
CA SER C 62 35.41 16.41 -22.07
C SER C 62 35.12 16.38 -20.58
N PRO C 63 35.21 15.19 -19.97
CA PRO C 63 34.96 14.99 -18.54
C PRO C 63 35.88 15.78 -17.62
N PHE C 64 35.30 16.43 -16.62
CA PHE C 64 36.10 17.16 -15.65
C PHE C 64 36.33 16.12 -14.56
N GLN C 65 37.50 15.50 -14.57
CA GLN C 65 37.81 14.45 -13.62
C GLN C 65 36.80 13.34 -13.92
N ILE C 66 35.96 12.99 -12.95
CA ILE C 66 34.97 11.94 -13.17
C ILE C 66 33.64 12.49 -13.73
N VAL C 67 33.39 13.78 -13.52
CA VAL C 67 32.16 14.43 -13.97
C VAL C 67 31.98 14.43 -15.49
N LYS C 68 30.79 14.02 -15.94
CA LYS C 68 30.47 13.95 -17.35
C LYS C 68 29.65 15.14 -17.86
N ASN C 69 29.88 15.51 -19.12
CA ASN C 69 29.20 16.63 -19.76
C ASN C 69 29.06 17.86 -18.87
N PRO C 70 30.12 18.22 -18.13
CA PRO C 70 30.03 19.39 -17.25
C PRO C 70 29.62 20.70 -17.92
N ARG C 71 30.24 21.04 -19.05
CA ARG C 71 29.93 22.29 -19.72
C ARG C 71 28.52 22.33 -20.31
N SER C 72 28.08 21.20 -20.86
CA SER C 72 26.75 21.14 -21.45
C SER C 72 25.69 21.26 -20.35
N VAL C 73 25.89 20.55 -19.24
CA VAL C 73 24.93 20.61 -18.13
C VAL C 73 24.95 22.00 -17.50
N GLY C 74 26.14 22.56 -17.29
CA GLY C 74 26.25 23.88 -16.70
C GLY C 74 25.61 24.97 -17.55
N LYS C 75 25.78 24.86 -18.86
CA LYS C 75 25.22 25.84 -19.79
C LYS C 75 23.69 25.75 -19.86
N ALA C 76 23.16 24.54 -19.91
CA ALA C 76 21.72 24.33 -19.97
C ALA C 76 21.06 24.93 -18.73
N ASN C 77 21.69 24.71 -17.57
CA ASN C 77 21.15 25.22 -16.32
C ASN C 77 21.28 26.73 -16.16
N GLU C 78 22.29 27.33 -16.77
CA GLU C 78 22.44 28.77 -16.71
C GLU C 78 21.29 29.39 -17.50
N GLN C 79 20.98 28.80 -18.65
CA GLN C 79 19.88 29.29 -19.48
C GLN C 79 18.54 29.11 -18.76
N LEU C 80 18.32 27.95 -18.16
CA LEU C 80 17.07 27.71 -17.45
C LEU C 80 16.92 28.69 -16.28
N ALA C 81 17.99 28.90 -15.52
CA ALA C 81 17.95 29.81 -14.39
C ALA C 81 17.51 31.21 -14.84
N ALA C 82 18.02 31.66 -15.99
CA ALA C 82 17.66 32.97 -16.50
C ALA C 82 16.17 33.02 -16.82
N VAL C 83 15.68 32.00 -17.51
CA VAL C 83 14.26 31.93 -17.86
C VAL C 83 13.38 31.90 -16.62
N VAL C 84 13.74 31.07 -15.64
CA VAL C 84 12.97 30.96 -14.42
C VAL C 84 13.00 32.27 -13.63
N ALA C 85 14.17 32.88 -13.50
CA ALA C 85 14.28 34.15 -12.77
C ALA C 85 13.31 35.17 -13.34
N GLU C 86 13.24 35.23 -14.68
CA GLU C 86 12.36 36.18 -15.36
C GLU C 86 10.87 35.91 -15.08
N THR C 87 10.42 34.65 -15.20
CA THR C 87 9.02 34.35 -14.94
C THR C 87 8.71 34.66 -13.48
N GLN C 88 9.65 34.33 -12.59
CA GLN C 88 9.47 34.58 -11.16
C GLN C 88 9.35 36.08 -10.92
N LYS C 89 10.18 36.85 -11.63
CA LYS C 89 10.18 38.31 -11.50
C LYS C 89 8.80 38.90 -11.81
N ASN C 90 8.13 38.34 -12.81
CA ASN C 90 6.81 38.80 -13.19
C ASN C 90 5.71 38.29 -12.27
N GLY C 91 6.11 37.68 -11.16
CA GLY C 91 5.15 37.18 -10.20
C GLY C 91 4.35 35.95 -10.61
N THR C 92 4.94 35.08 -11.42
CA THR C 92 4.25 33.87 -11.84
C THR C 92 4.93 32.63 -11.27
N ILE C 93 4.16 31.56 -11.10
CA ILE C 93 4.68 30.32 -10.58
C ILE C 93 5.29 29.53 -11.73
N SER C 94 6.57 29.19 -11.59
CA SER C 94 7.27 28.43 -12.62
C SER C 94 7.08 26.92 -12.46
N VAL C 95 6.83 26.25 -13.57
CA VAL C 95 6.65 24.80 -13.58
C VAL C 95 7.59 24.22 -14.63
N VAL C 96 8.69 23.63 -14.17
CA VAL C 96 9.68 23.05 -15.07
C VAL C 96 9.41 21.57 -15.33
N LEU C 97 9.31 21.20 -16.60
CA LEU C 97 9.08 19.80 -16.98
C LEU C 97 10.42 19.21 -17.43
N GLY C 98 10.90 18.21 -16.70
CA GLY C 98 12.17 17.59 -17.03
C GLY C 98 12.02 16.46 -18.05
N GLY C 99 13.13 15.92 -18.55
CA GLY C 99 14.47 16.35 -18.16
C GLY C 99 14.99 15.66 -16.93
N ASP C 100 16.31 15.48 -16.84
CA ASP C 100 16.88 14.83 -15.68
C ASP C 100 17.00 15.86 -14.55
N HIS C 101 17.12 15.36 -13.33
CA HIS C 101 17.16 16.22 -12.16
C HIS C 101 18.32 17.22 -12.03
N SER C 102 19.30 17.15 -12.92
CA SER C 102 20.40 18.11 -12.83
C SER C 102 19.83 19.49 -13.13
N MET C 103 18.69 19.53 -13.81
CA MET C 103 18.07 20.81 -14.16
C MET C 103 17.51 21.57 -12.95
N ALA C 104 17.53 20.92 -11.78
CA ALA C 104 17.06 21.58 -10.57
C ALA C 104 18.06 22.69 -10.21
N ILE C 105 19.29 22.54 -10.66
CA ILE C 105 20.32 23.55 -10.39
C ILE C 105 19.84 24.88 -10.97
N GLY C 106 19.47 24.87 -12.24
CA GLY C 106 19.00 26.09 -12.88
C GLY C 106 17.65 26.54 -12.37
N SER C 107 16.74 25.59 -12.20
CA SER C 107 15.39 25.90 -11.71
C SER C 107 15.42 26.59 -10.35
N ILE C 108 16.06 25.96 -9.36
CA ILE C 108 16.14 26.53 -8.03
C ILE C 108 16.99 27.81 -8.02
N SER C 109 18.09 27.81 -8.77
CA SER C 109 18.97 28.99 -8.83
C SER C 109 18.21 30.22 -9.33
N GLY C 110 17.47 30.07 -10.42
CA GLY C 110 16.71 31.18 -10.96
C GLY C 110 15.60 31.61 -10.02
N HIS C 111 15.01 30.64 -9.34
CA HIS C 111 13.93 30.91 -8.39
C HIS C 111 14.45 31.73 -7.21
N ALA C 112 15.62 31.35 -6.71
CA ALA C 112 16.23 32.02 -5.57
C ALA C 112 16.67 33.45 -5.88
N ARG C 113 16.85 33.78 -7.15
CA ARG C 113 17.26 35.14 -7.51
C ARG C 113 16.14 36.12 -7.20
N VAL C 114 14.91 35.63 -7.19
CA VAL C 114 13.75 36.47 -6.92
C VAL C 114 13.23 36.25 -5.50
N HIS C 115 13.31 35.01 -5.02
CA HIS C 115 12.86 34.68 -3.67
C HIS C 115 13.99 34.00 -2.91
N PRO C 116 14.98 34.78 -2.48
CA PRO C 116 16.12 34.23 -1.75
C PRO C 116 15.78 33.54 -0.43
N ASP C 117 14.58 33.78 0.10
CA ASP C 117 14.17 33.16 1.36
C ASP C 117 13.34 31.88 1.15
N LEU C 118 13.34 31.37 -0.08
CA LEU C 118 12.57 30.16 -0.40
C LEU C 118 13.08 28.91 0.31
N CYS C 119 12.20 27.93 0.45
CA CYS C 119 12.59 26.66 1.04
C CYS C 119 12.37 25.60 -0.03
N VAL C 120 13.00 24.45 0.12
CA VAL C 120 12.88 23.39 -0.86
C VAL C 120 12.38 22.07 -0.28
N ILE C 121 11.38 21.48 -0.93
CA ILE C 121 10.87 20.19 -0.52
C ILE C 121 11.25 19.31 -1.71
N TRP C 122 12.13 18.36 -1.44
CA TRP C 122 12.67 17.47 -2.46
C TRP C 122 12.11 16.05 -2.30
N VAL C 123 11.19 15.66 -3.19
CA VAL C 123 10.59 14.33 -3.16
C VAL C 123 11.38 13.46 -4.12
N ASP C 124 12.03 12.44 -3.57
CA ASP C 124 12.92 11.62 -4.36
C ASP C 124 13.31 10.37 -3.57
N ALA C 125 13.69 9.30 -4.27
CA ALA C 125 14.17 8.11 -3.57
C ALA C 125 15.64 8.38 -3.26
N HIS C 126 16.18 9.42 -3.88
CA HIS C 126 17.58 9.79 -3.71
C HIS C 126 17.78 11.21 -3.20
N THR C 127 18.94 11.43 -2.58
CA THR C 127 19.30 12.75 -2.05
C THR C 127 19.92 13.64 -3.15
N ASP C 128 20.45 13.01 -4.20
CA ASP C 128 21.08 13.77 -5.29
C ASP C 128 22.03 14.83 -4.75
N ILE C 129 22.77 14.46 -3.72
CA ILE C 129 23.70 15.38 -3.07
C ILE C 129 25.17 14.97 -3.18
N ASN C 130 25.49 14.11 -4.15
CA ASN C 130 26.88 13.71 -4.35
C ASN C 130 27.61 14.93 -4.89
N THR C 131 28.89 15.08 -4.53
CA THR C 131 29.69 16.19 -5.03
C THR C 131 30.58 15.59 -6.12
N PRO C 132 31.28 16.45 -6.90
CA PRO C 132 32.14 15.92 -7.95
C PRO C 132 33.20 14.97 -7.38
N LEU C 133 33.48 15.09 -6.08
CA LEU C 133 34.47 14.24 -5.42
C LEU C 133 33.89 12.95 -4.83
N THR C 134 32.63 12.96 -4.40
CA THR C 134 32.02 11.77 -3.81
C THR C 134 31.29 10.87 -4.83
N THR C 135 30.88 11.45 -5.95
CA THR C 135 30.17 10.67 -6.96
C THR C 135 30.97 9.48 -7.48
N SER C 136 30.28 8.36 -7.70
CA SER C 136 30.90 7.15 -8.21
C SER C 136 30.65 7.07 -9.72
N SER C 137 29.63 7.78 -10.18
CA SER C 137 29.25 7.76 -11.59
C SER C 137 29.68 9.00 -12.37
N GLY C 138 29.73 10.14 -11.70
CA GLY C 138 30.11 11.36 -12.39
C GLY C 138 28.90 11.97 -13.09
N ASN C 139 27.75 11.33 -12.97
CA ASN C 139 26.54 11.85 -13.61
C ASN C 139 26.03 13.02 -12.78
N LEU C 140 25.76 14.14 -13.45
CA LEU C 140 25.31 15.33 -12.75
C LEU C 140 23.88 15.26 -12.22
N GLY C 142 22.85 13.24 -10.22
CA GLY C 142 22.93 12.79 -8.84
C GLY C 142 23.71 13.76 -7.99
N GLN C 143 23.91 14.99 -8.50
CA GLN C 143 24.68 16.01 -7.78
C GLN C 143 24.02 17.40 -7.65
N PRO C 144 22.78 17.58 -8.15
CA PRO C 144 22.13 18.90 -8.05
C PRO C 144 22.27 19.65 -6.74
N VAL C 145 21.82 19.02 -5.66
CA VAL C 145 21.85 19.65 -4.35
C VAL C 145 23.23 20.08 -3.87
N ALA C 146 24.27 19.36 -4.28
CA ALA C 146 25.63 19.72 -3.88
C ALA C 146 26.04 21.08 -4.45
N PHE C 147 25.55 21.42 -5.63
CA PHE C 147 25.88 22.70 -6.26
C PHE C 147 25.05 23.85 -5.69
N LEU C 148 23.95 23.50 -5.04
CA LEU C 148 23.04 24.51 -4.48
C LEU C 148 23.27 24.86 -3.02
N LEU C 149 23.79 23.92 -2.23
CA LEU C 149 23.99 24.15 -0.80
C LEU C 149 25.17 25.05 -0.43
N LYS C 150 24.89 26.03 0.42
CA LYS C 150 25.92 26.96 0.87
C LYS C 150 27.02 26.25 1.66
N GLU C 151 26.64 25.31 2.51
CA GLU C 151 27.61 24.59 3.33
C GLU C 151 28.57 23.70 2.54
N LEU C 152 28.25 23.42 1.28
CA LEU C 152 29.11 22.58 0.45
C LEU C 152 30.03 23.42 -0.42
N LYS C 153 29.85 24.73 -0.38
CA LYS C 153 30.67 25.64 -1.16
C LYS C 153 32.14 25.45 -0.82
N GLY C 154 32.96 25.27 -1.84
CA GLY C 154 34.39 25.08 -1.63
C GLY C 154 34.79 23.70 -1.14
N LYS C 155 33.85 22.77 -1.14
CA LYS C 155 34.14 21.40 -0.70
C LYS C 155 34.54 20.52 -1.88
N PHE C 156 34.46 21.08 -3.08
CA PHE C 156 34.84 20.36 -4.30
C PHE C 156 35.38 21.37 -5.32
N PRO C 157 36.24 20.91 -6.25
CA PRO C 157 36.81 21.81 -7.26
C PRO C 157 35.76 22.45 -8.16
N ASP C 158 36.03 23.68 -8.61
CA ASP C 158 35.11 24.39 -9.48
C ASP C 158 34.98 23.60 -10.79
N VAL C 159 33.74 23.23 -11.13
CA VAL C 159 33.48 22.46 -12.35
C VAL C 159 33.22 23.39 -13.54
N PRO C 160 33.86 23.09 -14.68
CA PRO C 160 33.68 23.90 -15.89
C PRO C 160 32.21 24.03 -16.27
N GLY C 161 31.77 25.27 -16.49
CA GLY C 161 30.39 25.52 -16.87
C GLY C 161 29.46 25.92 -15.74
N PHE C 162 29.95 25.87 -14.50
CA PHE C 162 29.11 26.21 -13.35
C PHE C 162 29.61 27.41 -12.54
N SER C 163 30.52 28.19 -13.08
CA SER C 163 31.05 29.34 -12.35
C SER C 163 29.96 30.39 -12.08
N TRP C 164 28.89 30.33 -12.86
CA TRP C 164 27.77 31.27 -12.70
C TRP C 164 26.92 30.94 -11.49
N VAL C 165 27.06 29.71 -10.98
CA VAL C 165 26.27 29.26 -9.85
C VAL C 165 26.75 29.83 -8.52
N THR C 166 25.79 30.29 -7.73
CA THR C 166 26.09 30.82 -6.40
C THR C 166 25.20 30.06 -5.42
N PRO C 167 25.79 29.26 -4.52
CA PRO C 167 25.01 28.50 -3.54
C PRO C 167 23.94 29.41 -2.94
N CYS C 168 22.68 29.05 -3.14
CA CYS C 168 21.57 29.89 -2.66
C CYS C 168 20.79 29.40 -1.44
N ILE C 169 20.78 28.11 -1.17
CA ILE C 169 20.05 27.65 0.01
C ILE C 169 20.94 26.94 1.01
N SER C 170 20.55 27.06 2.27
CA SER C 170 21.27 26.44 3.35
C SER C 170 20.69 25.06 3.63
N ALA C 171 21.50 24.20 4.21
CA ALA C 171 21.08 22.85 4.53
C ALA C 171 19.82 22.84 5.40
N LYS C 172 19.56 23.95 6.08
CA LYS C 172 18.38 24.05 6.95
C LYS C 172 17.10 24.47 6.22
N ASP C 173 17.22 24.79 4.93
CA ASP C 173 16.04 25.22 4.16
C ASP C 173 15.52 24.13 3.22
N ILE C 174 16.01 22.92 3.36
CA ILE C 174 15.54 21.83 2.50
C ILE C 174 15.07 20.63 3.30
N VAL C 175 14.03 19.97 2.80
CA VAL C 175 13.49 18.78 3.44
C VAL C 175 13.30 17.69 2.39
N TYR C 176 13.90 16.53 2.64
CA TYR C 176 13.79 15.38 1.73
C TYR C 176 12.63 14.49 2.16
N ILE C 177 11.90 13.96 1.18
CA ILE C 177 10.79 13.03 1.47
C ILE C 177 10.86 11.88 0.46
N GLY C 178 10.95 10.64 0.96
CA GLY C 178 10.98 9.47 0.08
C GLY C 178 12.27 8.69 -0.03
N LEU C 179 13.33 9.17 0.61
CA LEU C 179 14.64 8.54 0.56
C LEU C 179 14.69 7.03 0.85
N ARG C 180 15.42 6.31 0.00
CA ARG C 180 15.57 4.87 0.18
C ARG C 180 16.74 4.29 -0.62
N ASP C 181 17.55 5.16 -1.23
CA ASP C 181 18.70 4.73 -2.02
C ASP C 181 19.75 5.82 -1.94
N VAL C 182 20.44 5.88 -0.80
CA VAL C 182 21.45 6.90 -0.52
C VAL C 182 22.86 6.31 -0.48
N ASP C 183 23.80 6.90 -1.21
CA ASP C 183 25.18 6.41 -1.21
C ASP C 183 25.84 6.74 0.12
N PRO C 184 26.88 5.98 0.51
CA PRO C 184 27.58 6.23 1.77
C PRO C 184 28.00 7.69 1.91
N GLY C 185 28.62 8.23 0.86
CA GLY C 185 29.06 9.61 0.90
C GLY C 185 27.91 10.58 1.12
N GLU C 186 26.79 10.32 0.45
CA GLU C 186 25.62 11.18 0.60
C GLU C 186 25.07 11.11 2.01
N HIS C 187 25.05 9.91 2.58
CA HIS C 187 24.54 9.73 3.93
C HIS C 187 25.46 10.48 4.90
N TYR C 188 26.77 10.43 4.63
CA TYR C 188 27.72 11.14 5.48
C TYR C 188 27.40 12.64 5.40
N ILE C 189 27.16 13.13 4.19
CA ILE C 189 26.86 14.54 3.99
C ILE C 189 25.57 15.01 4.65
N ILE C 190 24.47 14.29 4.47
CA ILE C 190 23.23 14.74 5.09
C ILE C 190 23.26 14.65 6.61
N LYS C 191 24.01 13.70 7.16
CA LYS C 191 24.10 13.57 8.60
C LYS C 191 25.03 14.66 9.13
N THR C 192 26.17 14.84 8.47
CA THR C 192 27.15 15.85 8.88
C THR C 192 26.59 17.27 8.75
N LEU C 193 25.78 17.52 7.72
CA LEU C 193 25.19 18.84 7.53
C LEU C 193 23.89 19.04 8.31
N GLY C 194 23.40 17.98 8.94
CA GLY C 194 22.17 18.08 9.71
C GLY C 194 20.93 18.39 8.88
N ILE C 195 20.88 17.83 7.67
CA ILE C 195 19.74 18.04 6.78
C ILE C 195 18.52 17.28 7.29
N LYS C 196 17.36 17.94 7.24
CA LYS C 196 16.11 17.33 7.67
C LYS C 196 15.56 16.41 6.60
N TYR C 197 15.18 15.19 6.97
CA TYR C 197 14.66 14.25 5.99
C TYR C 197 13.66 13.26 6.56
N PHE C 198 12.81 12.75 5.68
CA PHE C 198 11.83 11.73 6.03
C PHE C 198 12.03 10.61 5.00
N SER C 199 12.89 9.65 5.35
CA SER C 199 13.15 8.52 4.45
C SER C 199 11.91 7.66 4.53
N MET C 200 11.86 6.59 3.74
CA MET C 200 10.68 5.74 3.79
C MET C 200 10.48 5.19 5.20
N THR C 201 11.57 5.08 5.96
CA THR C 201 11.47 4.59 7.32
C THR C 201 10.60 5.54 8.14
N GLU C 202 10.82 6.84 8.01
CA GLU C 202 10.03 7.83 8.75
C GLU C 202 8.59 7.87 8.23
N VAL C 203 8.41 7.69 6.93
CA VAL C 203 7.06 7.69 6.38
C VAL C 203 6.29 6.49 6.95
N ASP C 204 6.95 5.34 7.04
CA ASP C 204 6.29 4.14 7.59
C ASP C 204 5.93 4.35 9.05
N LYS C 205 6.84 4.96 9.80
CA LYS C 205 6.62 5.21 11.22
C LYS C 205 5.54 6.23 11.51
N LEU C 206 5.64 7.40 10.86
CA LEU C 206 4.70 8.49 11.09
C LEU C 206 3.41 8.51 10.27
N GLY C 207 3.48 8.05 9.03
CA GLY C 207 2.30 8.13 8.18
C GLY C 207 2.52 9.44 7.44
N ILE C 208 2.09 9.51 6.18
CA ILE C 208 2.31 10.68 5.37
C ILE C 208 1.65 11.93 5.96
N GLY C 209 0.57 11.73 6.72
CA GLY C 209 -0.12 12.86 7.32
C GLY C 209 0.79 13.63 8.28
N LYS C 210 1.44 12.89 9.17
CA LYS C 210 2.34 13.49 10.16
C LYS C 210 3.61 14.02 9.49
N VAL C 211 4.08 13.33 8.45
CA VAL C 211 5.28 13.78 7.73
C VAL C 211 5.08 15.20 7.18
N MET C 212 3.93 15.47 6.59
CA MET C 212 3.70 16.79 6.03
C MET C 212 3.55 17.85 7.14
N GLU C 213 2.93 17.48 8.25
CA GLU C 213 2.77 18.44 9.35
C GLU C 213 4.16 18.86 9.83
N GLU C 214 5.02 17.88 10.05
CA GLU C 214 6.38 18.15 10.52
C GLU C 214 7.22 18.87 9.48
N THR C 215 7.02 18.56 8.20
CA THR C 215 7.77 19.22 7.14
C THR C 215 7.45 20.71 7.15
N PHE C 216 6.17 21.02 7.28
CA PHE C 216 5.76 22.42 7.29
C PHE C 216 6.17 23.15 8.58
N SER C 217 6.07 22.50 9.74
CA SER C 217 6.47 23.16 10.98
C SER C 217 7.97 23.45 10.94
N TYR C 218 8.74 22.53 10.37
CA TYR C 218 10.18 22.72 10.26
C TYR C 218 10.58 23.85 9.31
N LEU C 219 9.97 23.87 8.13
CA LEU C 219 10.30 24.89 7.14
C LEU C 219 9.53 26.21 7.25
N LEU C 220 8.30 26.15 7.76
CA LEU C 220 7.46 27.35 7.85
C LEU C 220 7.03 27.80 9.24
N GLY C 221 7.27 26.96 10.25
CA GLY C 221 6.88 27.30 11.61
C GLY C 221 7.39 28.63 12.11
N ARG C 222 8.63 28.97 11.74
CA ARG C 222 9.25 30.20 12.17
C ARG C 222 8.86 31.39 11.30
N LYS C 223 8.73 31.17 10.00
CA LYS C 223 8.37 32.23 9.06
C LYS C 223 7.82 31.66 7.78
N LYS C 224 6.80 32.30 7.22
CA LYS C 224 6.21 31.85 5.97
C LYS C 224 7.02 32.37 4.79
N ARG C 225 7.46 31.47 3.92
CA ARG C 225 8.23 31.83 2.74
C ARG C 225 7.84 30.95 1.56
N PRO C 226 8.27 31.34 0.35
CA PRO C 226 7.95 30.58 -0.86
C PRO C 226 8.44 29.14 -0.80
N ILE C 227 7.67 28.24 -1.40
CA ILE C 227 8.03 26.82 -1.42
C ILE C 227 8.44 26.42 -2.83
N HIS C 228 9.57 25.73 -2.93
CA HIS C 228 9.99 25.22 -4.23
C HIS C 228 9.88 23.71 -4.09
N LEU C 229 8.98 23.10 -4.84
CA LEU C 229 8.81 21.65 -4.78
C LEU C 229 9.52 21.00 -5.97
N SER C 230 10.57 20.24 -5.70
CA SER C 230 11.31 19.55 -6.76
C SER C 230 10.90 18.09 -6.67
N PHE C 231 10.04 17.67 -7.58
CA PHE C 231 9.51 16.31 -7.56
C PHE C 231 10.14 15.37 -8.59
N ASP C 232 10.88 14.38 -8.10
CA ASP C 232 11.49 13.37 -8.95
C ASP C 232 10.47 12.22 -8.93
N VAL C 233 9.99 11.84 -10.11
CA VAL C 233 9.01 10.79 -10.21
C VAL C 233 9.43 9.44 -9.56
N ASP C 234 10.73 9.18 -9.46
CA ASP C 234 11.15 7.91 -8.86
C ASP C 234 10.96 7.92 -7.35
N GLY C 235 10.45 9.02 -6.82
CA GLY C 235 10.16 9.09 -5.40
C GLY C 235 9.01 8.12 -5.13
N LEU C 236 8.11 7.96 -6.10
CA LEU C 236 7.00 7.03 -5.94
C LEU C 236 7.50 5.64 -6.33
N ASP C 237 6.84 4.61 -5.79
CA ASP C 237 7.21 3.23 -6.05
C ASP C 237 7.15 2.92 -7.55
N PRO C 238 8.07 2.08 -8.05
CA PRO C 238 8.10 1.71 -9.47
C PRO C 238 6.78 1.16 -10.00
N VAL C 239 5.90 0.74 -9.10
CA VAL C 239 4.59 0.21 -9.51
C VAL C 239 3.71 1.34 -10.03
N PHE C 240 4.03 2.57 -9.65
CA PHE C 240 3.26 3.74 -10.06
C PHE C 240 3.96 4.56 -11.14
N THR C 241 5.28 4.66 -11.04
CA THR C 241 6.04 5.44 -12.01
C THR C 241 7.25 4.63 -12.48
N PRO C 242 7.01 3.53 -13.20
CA PRO C 242 8.07 2.66 -13.71
C PRO C 242 8.99 3.23 -14.78
N ALA C 243 8.48 4.10 -15.65
CA ALA C 243 9.29 4.68 -16.72
C ALA C 243 10.18 5.82 -16.22
N THR C 244 11.25 5.45 -15.53
CA THR C 244 12.17 6.41 -14.96
C THR C 244 13.55 5.75 -14.87
N GLY C 245 14.60 6.56 -14.94
CA GLY C 245 15.96 6.03 -14.93
C GLY C 245 16.47 5.19 -13.77
N THR C 246 16.12 5.55 -12.54
CA THR C 246 16.60 4.83 -11.38
C THR C 246 15.48 4.41 -10.43
N PRO C 247 14.67 3.41 -10.84
CA PRO C 247 13.57 2.96 -9.99
C PRO C 247 14.09 2.21 -8.77
N VAL C 248 13.45 2.45 -7.62
CA VAL C 248 13.83 1.80 -6.37
C VAL C 248 12.58 1.27 -5.68
N VAL C 249 12.55 -0.01 -5.37
CA VAL C 249 11.39 -0.62 -4.71
C VAL C 249 11.11 -0.04 -3.32
N GLY C 250 9.86 -0.16 -2.88
CA GLY C 250 9.46 0.32 -1.58
C GLY C 250 9.28 1.83 -1.50
N GLY C 251 8.76 2.43 -2.57
CA GLY C 251 8.56 3.87 -2.59
C GLY C 251 7.22 4.39 -2.11
N LEU C 252 7.02 5.70 -2.27
CA LEU C 252 5.78 6.34 -1.88
C LEU C 252 4.67 5.81 -2.78
N SER C 253 3.47 5.69 -2.24
CA SER C 253 2.35 5.19 -3.04
C SER C 253 1.79 6.33 -3.87
N TYR C 254 0.88 6.00 -4.77
CA TYR C 254 0.23 7.01 -5.60
C TYR C 254 -0.52 7.95 -4.66
N ARG C 255 -1.24 7.37 -3.71
CA ARG C 255 -2.01 8.14 -2.74
C ARG C 255 -1.12 9.11 -1.95
N GLU C 256 0.02 8.63 -1.47
CA GLU C 256 0.92 9.47 -0.69
C GLU C 256 1.48 10.62 -1.52
N GLY C 257 1.76 10.36 -2.80
CA GLY C 257 2.29 11.41 -3.66
C GLY C 257 1.26 12.52 -3.81
N LEU C 258 0.02 12.15 -4.02
CA LEU C 258 -1.04 13.13 -4.15
C LEU C 258 -1.31 13.84 -2.84
N TYR C 259 -1.14 13.15 -1.72
CA TYR C 259 -1.37 13.78 -0.42
C TYR C 259 -0.35 14.91 -0.26
N ILE C 260 0.90 14.61 -0.59
CA ILE C 260 1.98 15.58 -0.51
C ILE C 260 1.61 16.83 -1.30
N THR C 261 1.23 16.63 -2.56
CA THR C 261 0.89 17.74 -3.43
C THR C 261 -0.37 18.48 -3.00
N GLU C 262 -1.35 17.76 -2.46
CA GLU C 262 -2.58 18.41 -2.00
C GLU C 262 -2.25 19.33 -0.82
N GLU C 263 -1.40 18.85 0.09
CA GLU C 263 -1.00 19.65 1.25
C GLU C 263 -0.17 20.86 0.82
N ILE C 264 0.70 20.68 -0.16
CA ILE C 264 1.50 21.81 -0.62
C ILE C 264 0.59 22.85 -1.26
N TYR C 265 -0.42 22.39 -1.99
CA TYR C 265 -1.36 23.32 -2.60
C TYR C 265 -2.05 24.15 -1.52
N LYS C 266 -2.52 23.46 -0.48
CA LYS C 266 -3.22 24.10 0.62
C LYS C 266 -2.44 25.17 1.37
N THR C 267 -1.11 25.10 1.32
CA THR C 267 -0.30 26.11 2.01
C THR C 267 -0.44 27.47 1.35
N GLY C 268 -0.73 27.47 0.05
CA GLY C 268 -0.85 28.70 -0.69
C GLY C 268 0.52 29.34 -0.92
N LEU C 269 1.58 28.58 -0.62
CA LEU C 269 2.94 29.09 -0.77
C LEU C 269 3.76 28.54 -1.94
N LEU C 270 3.21 27.60 -2.71
CA LEU C 270 3.97 27.05 -3.83
C LEU C 270 4.38 28.15 -4.79
N SER C 271 5.69 28.25 -5.04
CA SER C 271 6.22 29.29 -5.90
C SER C 271 6.98 28.74 -7.11
N GLY C 272 7.51 27.55 -6.98
CA GLY C 272 8.26 26.92 -8.06
C GLY C 272 8.06 25.42 -8.00
N LEU C 273 7.98 24.76 -9.16
CA LEU C 273 7.75 23.32 -9.21
C LEU C 273 8.58 22.67 -10.29
N ASP C 274 9.10 21.47 -10.02
CA ASP C 274 9.86 20.70 -10.99
C ASP C 274 9.22 19.31 -11.06
N ILE C 275 8.97 18.81 -12.26
CA ILE C 275 8.41 17.47 -12.45
C ILE C 275 9.49 16.79 -13.27
N MET C 276 10.34 16.03 -12.58
CA MET C 276 11.50 15.41 -13.21
C MET C 276 11.56 13.90 -13.34
N GLU C 277 12.47 13.47 -14.20
CA GLU C 277 12.78 12.06 -14.46
C GLU C 277 11.74 11.16 -15.13
N VAL C 278 10.80 11.74 -15.86
CA VAL C 278 9.85 10.92 -16.58
C VAL C 278 10.59 10.58 -17.89
N ASN C 279 10.97 9.31 -18.05
CA ASN C 279 11.69 8.87 -19.26
C ASN C 279 10.80 7.87 -20.01
N PRO C 280 10.12 8.34 -21.06
CA PRO C 280 9.21 7.59 -21.93
C PRO C 280 9.82 6.41 -22.67
N THR C 281 11.15 6.36 -22.74
CA THR C 281 11.81 5.26 -23.44
C THR C 281 12.08 4.09 -22.51
N LEU C 282 11.89 4.30 -21.21
CA LEU C 282 12.15 3.24 -20.24
C LEU C 282 10.94 2.43 -19.76
N GLY C 283 9.82 2.54 -20.45
CA GLY C 283 8.68 1.73 -20.03
C GLY C 283 8.87 0.33 -20.59
N LYS C 284 8.64 -0.70 -19.77
CA LYS C 284 8.76 -2.07 -20.23
C LYS C 284 7.66 -2.38 -21.26
N THR C 285 6.60 -1.58 -21.21
CA THR C 285 5.46 -1.70 -22.11
C THR C 285 4.93 -0.29 -22.32
N PRO C 286 4.05 -0.11 -23.32
CA PRO C 286 3.50 1.23 -23.57
C PRO C 286 2.71 1.69 -22.36
N GLU C 287 2.00 0.75 -21.74
CA GLU C 287 1.18 1.06 -20.58
C GLU C 287 1.98 1.59 -19.38
N GLU C 288 3.20 1.08 -19.19
CA GLU C 288 4.02 1.54 -18.07
C GLU C 288 4.39 3.01 -18.29
N VAL C 289 4.51 3.41 -19.55
CA VAL C 289 4.84 4.80 -19.86
C VAL C 289 3.60 5.65 -19.58
N THR C 290 2.45 5.19 -20.07
CA THR C 290 1.20 5.90 -19.87
C THR C 290 0.91 6.06 -18.37
N ARG C 291 1.20 5.00 -17.62
CA ARG C 291 0.99 5.01 -16.17
C ARG C 291 1.84 6.10 -15.51
N THR C 292 3.12 6.17 -15.90
CA THR C 292 4.06 7.15 -15.36
C THR C 292 3.69 8.58 -15.70
N VAL C 293 3.35 8.81 -16.97
CA VAL C 293 2.95 10.13 -17.44
C VAL C 293 1.67 10.60 -16.75
N ASN C 294 0.67 9.72 -16.68
CA ASN C 294 -0.59 10.09 -16.02
C ASN C 294 -0.36 10.46 -14.56
N THR C 295 0.52 9.72 -13.89
CA THR C 295 0.82 10.01 -12.49
C THR C 295 1.47 11.39 -12.37
N ALA C 296 2.44 11.68 -13.23
CA ALA C 296 3.11 12.98 -13.19
C ALA C 296 2.10 14.09 -13.44
N VAL C 297 1.18 13.86 -14.38
CA VAL C 297 0.17 14.85 -14.69
C VAL C 297 -0.74 15.07 -13.49
N ALA C 298 -1.18 14.00 -12.85
CA ALA C 298 -2.05 14.10 -11.69
C ALA C 298 -1.38 14.88 -10.55
N LEU C 299 -0.10 14.60 -10.31
CA LEU C 299 0.62 15.30 -9.25
C LEU C 299 0.68 16.79 -9.56
N THR C 300 0.91 17.13 -10.83
CA THR C 300 1.00 18.53 -11.23
C THR C 300 -0.34 19.23 -11.01
N LEU C 301 -1.42 18.63 -11.50
CA LEU C 301 -2.73 19.23 -11.30
C LEU C 301 -3.05 19.37 -9.80
N SER C 302 -2.63 18.39 -9.00
CA SER C 302 -2.87 18.43 -7.56
C SER C 302 -2.19 19.65 -6.94
N CYS C 303 -0.97 19.96 -7.40
CA CYS C 303 -0.25 21.11 -6.90
C CYS C 303 -1.03 22.39 -7.15
N PHE C 304 -1.89 22.36 -8.16
CA PHE C 304 -2.65 23.56 -8.48
C PHE C 304 -4.15 23.54 -8.19
N GLY C 305 -4.54 22.80 -7.15
CA GLY C 305 -5.95 22.82 -6.77
C GLY C 305 -6.79 21.59 -6.91
N THR C 306 -6.47 20.72 -7.85
CA THR C 306 -7.26 19.51 -8.03
C THR C 306 -7.23 18.66 -6.78
N LYS C 307 -8.40 18.39 -6.22
CA LYS C 307 -8.54 17.60 -4.99
C LYS C 307 -9.29 16.31 -5.26
N ARG C 308 -8.95 15.26 -4.52
CA ARG C 308 -9.62 14.00 -4.72
C ARG C 308 -11.06 14.00 -4.23
N GLU C 309 -11.37 14.87 -3.27
CA GLU C 309 -12.75 14.96 -2.79
C GLU C 309 -13.61 15.63 -3.87
N GLY C 310 -12.95 16.27 -4.84
CA GLY C 310 -13.66 16.94 -5.91
C GLY C 310 -13.45 18.45 -5.94
N ASN C 311 -13.94 19.09 -7.00
CA ASN C 311 -13.81 20.53 -7.20
C ASN C 311 -15.05 21.07 -7.94
N HIS C 312 -15.37 22.34 -7.72
CA HIS C 312 -16.49 22.97 -8.41
C HIS C 312 -16.23 24.48 -8.50
N LYS C 313 -16.77 25.11 -9.54
CA LYS C 313 -16.58 26.55 -9.74
C LYS C 313 -17.36 27.41 -8.76
N PRO C 314 -16.75 28.50 -8.30
CA PRO C 314 -17.41 29.41 -7.35
C PRO C 314 -18.52 30.17 -8.05
N GLU C 315 -19.44 30.74 -7.27
CA GLU C 315 -20.54 31.50 -7.83
C GLU C 315 -21.23 30.76 -8.98
N THR C 316 -21.53 29.49 -8.75
CA THR C 316 -22.20 28.66 -9.74
C THR C 316 -23.13 27.70 -9.02
N ASP C 317 -24.44 27.88 -9.21
CA ASP C 317 -25.42 27.02 -8.56
C ASP C 317 -25.73 25.82 -9.44
N TYR C 318 -24.94 24.76 -9.25
CA TYR C 318 -25.07 23.53 -10.02
C TYR C 318 -26.45 22.89 -9.94
N LEU C 319 -27.20 23.19 -8.87
CA LEU C 319 -28.54 22.64 -8.70
C LEU C 319 -29.58 23.55 -9.37
#